data_4YMC
# 
_entry.id   4YMC 
# 
_audit_conform.dict_name       mmcif_pdbx.dic 
_audit_conform.dict_version    5.391 
_audit_conform.dict_location   http://mmcif.pdb.org/dictionaries/ascii/mmcif_pdbx.dic 
# 
loop_
_database_2.database_id 
_database_2.database_code 
_database_2.pdbx_database_accession 
_database_2.pdbx_DOI 
PDB   4YMC         pdb_00004ymc 10.2210/pdb4ymc/pdb 
WWPDB D_1000207698 ?            ?                   
# 
loop_
_pdbx_audit_revision_history.ordinal 
_pdbx_audit_revision_history.data_content_type 
_pdbx_audit_revision_history.major_revision 
_pdbx_audit_revision_history.minor_revision 
_pdbx_audit_revision_history.revision_date 
1 'Structure model' 1 0 2016-03-23 
2 'Structure model' 2 0 2017-08-30 
3 'Structure model' 2 1 2024-05-08 
# 
_pdbx_audit_revision_details.ordinal             1 
_pdbx_audit_revision_details.revision_ordinal    1 
_pdbx_audit_revision_details.data_content_type   'Structure model' 
_pdbx_audit_revision_details.provider            repository 
_pdbx_audit_revision_details.type                'Initial release' 
_pdbx_audit_revision_details.description         ? 
_pdbx_audit_revision_details.details             ? 
# 
loop_
_pdbx_audit_revision_group.ordinal 
_pdbx_audit_revision_group.revision_ordinal 
_pdbx_audit_revision_group.data_content_type 
_pdbx_audit_revision_group.group 
1 2 'Structure model' 'Atomic model'               
2 2 'Structure model' 'Author supporting evidence' 
3 2 'Structure model' 'Derived calculations'       
4 3 'Structure model' 'Data collection'            
5 3 'Structure model' 'Database references'        
6 3 'Structure model' 'Derived calculations'       
# 
loop_
_pdbx_audit_revision_category.ordinal 
_pdbx_audit_revision_category.revision_ordinal 
_pdbx_audit_revision_category.data_content_type 
_pdbx_audit_revision_category.category 
1  2 'Structure model' atom_site              
2  2 'Structure model' pdbx_audit_support     
3  2 'Structure model' pdbx_struct_conn_angle 
4  2 'Structure model' struct_conn            
5  2 'Structure model' struct_site_gen        
6  3 'Structure model' chem_comp_atom         
7  3 'Structure model' chem_comp_bond         
8  3 'Structure model' database_2             
9  3 'Structure model' pdbx_struct_conn_angle 
10 3 'Structure model' struct_conn            
# 
loop_
_pdbx_audit_revision_item.ordinal 
_pdbx_audit_revision_item.revision_ordinal 
_pdbx_audit_revision_item.data_content_type 
_pdbx_audit_revision_item.item 
1  2 'Structure model' '_atom_site.B_iso_or_equiv'                 
2  2 'Structure model' '_atom_site.Cartn_x'                        
3  2 'Structure model' '_atom_site.Cartn_y'                        
4  2 'Structure model' '_atom_site.Cartn_z'                        
5  2 'Structure model' '_atom_site.occupancy'                      
6  2 'Structure model' '_pdbx_audit_support.funding_organization'  
7  2 'Structure model' '_pdbx_struct_conn_angle.ptnr1_auth_seq_id' 
8  2 'Structure model' '_pdbx_struct_conn_angle.ptnr3_auth_seq_id' 
9  2 'Structure model' '_pdbx_struct_conn_angle.value'             
10 2 'Structure model' '_struct_conn.pdbx_dist_value'              
11 2 'Structure model' '_struct_conn.ptnr2_auth_seq_id'            
12 2 'Structure model' '_struct_site_gen.auth_seq_id'              
13 3 'Structure model' '_database_2.pdbx_DOI'                      
14 3 'Structure model' '_database_2.pdbx_database_accession'       
15 3 'Structure model' '_pdbx_struct_conn_angle.ptnr1_auth_seq_id' 
16 3 'Structure model' '_pdbx_struct_conn_angle.ptnr1_symmetry'    
17 3 'Structure model' '_pdbx_struct_conn_angle.ptnr3_auth_seq_id' 
18 3 'Structure model' '_pdbx_struct_conn_angle.ptnr3_symmetry'    
19 3 'Structure model' '_pdbx_struct_conn_angle.value'             
20 3 'Structure model' '_struct_conn.pdbx_dist_value'              
21 3 'Structure model' '_struct_conn.ptnr2_auth_seq_id'            
22 3 'Structure model' '_struct_conn.ptnr2_symmetry'               
# 
_pdbx_database_status.status_code                     REL 
_pdbx_database_status.status_code_sf                  REL 
_pdbx_database_status.status_code_mr                  ? 
_pdbx_database_status.entry_id                        4YMC 
_pdbx_database_status.recvd_initial_deposition_date   2015-03-06 
_pdbx_database_status.SG_entry                        N 
_pdbx_database_status.deposit_site                    RCSB 
_pdbx_database_status.process_site                    PDBE 
_pdbx_database_status.status_code_cs                  ? 
_pdbx_database_status.methods_development_category    ? 
_pdbx_database_status.pdb_format_compatible           Y 
_pdbx_database_status.status_code_nmr_data            ? 
# 
loop_
_pdbx_database_related.db_name 
_pdbx_database_related.details 
_pdbx_database_related.db_id 
_pdbx_database_related.content_type 
PDB 'Intercalation of lambda-[Ru(phen)2(dppz)]2+ into d(CCGGTACCGG)2' 3U38 unspecified 
PDB 'Lambda-[Ru(phen)2(dppz)]2+ bound to d(CCGGATCCGG)2'              4E7Y unspecified 
# 
loop_
_audit_author.name 
_audit_author.pdbx_ordinal 
'Gurung, S.P.' 1 
'Hall, J.P.'   2 
'Cardin, C.J.' 3 
# 
_citation.abstract                  ? 
_citation.abstract_id_CAS           ? 
_citation.book_id_ISBN              ? 
_citation.book_publisher            ? 
_citation.book_publisher_city       ? 
_citation.book_title                ? 
_citation.coordinate_linkage        ? 
_citation.country                   ? 
_citation.database_id_Medline       ? 
_citation.details                   ? 
_citation.id                        primary 
_citation.journal_abbrev            'To Be Published' 
_citation.journal_id_ASTM           ? 
_citation.journal_id_CSD            0353 
_citation.journal_id_ISSN           ? 
_citation.journal_full              ? 
_citation.journal_issue             ? 
_citation.journal_volume            ? 
_citation.language                  ? 
_citation.page_first                ? 
_citation.page_last                 ? 
_citation.title                     
'Reversal of a single base pair step controls guanine photo-oxidation by an intercalating Ru(II) dipyridophenazine complex.' 
_citation.year                      ? 
_citation.database_id_CSD           ? 
_citation.pdbx_database_id_DOI      ? 
_citation.pdbx_database_id_PubMed   ? 
_citation.unpublished_flag          ? 
# 
loop_
_citation_author.citation_id 
_citation_author.name 
_citation_author.ordinal 
_citation_author.identifier_ORCID 
primary 'Keane, P.M.'      1  ? 
primary 'Gurung, S.P.'     2  ? 
primary 'Niyazi, H.'       3  ? 
primary 'Poynton, F.E.'    4  ? 
primary 'Hall, J.P.'       5  ? 
primary 'Sazanovich, I.V.' 6  ? 
primary 'Towrie, M.'       7  ? 
primary 'Teixeira, S.'     8  ? 
primary 'Mitchell, E.'     9  ? 
primary 'Forsyth, T.'      10 ? 
primary 'Gunnlaugsson, T.' 11 ? 
primary 'Quinn, S.J.'      12 ? 
primary 'Cardin, C.J.'     13 ? 
primary 'Kelly, J.M.'      14 ? 
# 
loop_
_entity.id 
_entity.type 
_entity.src_method 
_entity.pdbx_description 
_entity.formula_weight 
_entity.pdbx_number_of_molecules 
_entity.pdbx_ec 
_entity.pdbx_mutation 
_entity.pdbx_fragment 
_entity.details 
1 polymer     syn 
;DNA (5'-D(*CP*CP*GP*GP*AP*TP*CP*CP*GP*G)-3')
;
3045.992 1  ? ? ? ? 
2 non-polymer syn 'BARIUM ION'                                   137.327  1  ? ? ? ? 
3 non-polymer syn 'Ru(tap)2(dppz) complex'                       747.732  1  ? ? ? ? 
4 non-polymer syn 'CHLORIDE ION'                                 35.453   1  ? ? ? ? 
5 water       nat water                                          18.015   20 ? ? ? ? 
# 
_entity_poly.entity_id                      1 
_entity_poly.type                           polydeoxyribonucleotide 
_entity_poly.nstd_linkage                   no 
_entity_poly.nstd_monomer                   no 
_entity_poly.pdbx_seq_one_letter_code       '(DC)(DC)(DG)(DG)(DA)(DT)(DC)(DC)(DG)(DG)' 
_entity_poly.pdbx_seq_one_letter_code_can   CCGGATCCGG 
_entity_poly.pdbx_strand_id                 A 
_entity_poly.pdbx_target_identifier         ? 
# 
loop_
_pdbx_entity_nonpoly.entity_id 
_pdbx_entity_nonpoly.name 
_pdbx_entity_nonpoly.comp_id 
2 'BARIUM ION'             BA  
3 'Ru(tap)2(dppz) complex' RKL 
4 'CHLORIDE ION'           CL  
5 water                    HOH 
# 
loop_
_entity_poly_seq.entity_id 
_entity_poly_seq.num 
_entity_poly_seq.mon_id 
_entity_poly_seq.hetero 
1 1  DC n 
1 2  DC n 
1 3  DG n 
1 4  DG n 
1 5  DA n 
1 6  DT n 
1 7  DC n 
1 8  DC n 
1 9  DG n 
1 10 DG n 
# 
_pdbx_entity_src_syn.entity_id              1 
_pdbx_entity_src_syn.pdbx_src_id            1 
_pdbx_entity_src_syn.pdbx_alt_source_flag   sample 
_pdbx_entity_src_syn.pdbx_beg_seq_num       1 
_pdbx_entity_src_syn.pdbx_end_seq_num       10 
_pdbx_entity_src_syn.organism_scientific    'synthetic construct' 
_pdbx_entity_src_syn.organism_common_name   ? 
_pdbx_entity_src_syn.ncbi_taxonomy_id       32630 
_pdbx_entity_src_syn.details                ? 
# 
loop_
_chem_comp.id 
_chem_comp.type 
_chem_comp.mon_nstd_flag 
_chem_comp.name 
_chem_comp.pdbx_synonyms 
_chem_comp.formula 
_chem_comp.formula_weight 
BA  non-polymer   . 'BARIUM ION'                         ? 'Ba 2'             137.327 
CL  non-polymer   . 'CHLORIDE ION'                       ? 'Cl -1'            35.453  
DA  'DNA linking' y "2'-DEOXYADENOSINE-5'-MONOPHOSPHATE" ? 'C10 H14 N5 O6 P'  331.222 
DC  'DNA linking' y "2'-DEOXYCYTIDINE-5'-MONOPHOSPHATE"  ? 'C9 H14 N3 O7 P'   307.197 
DG  'DNA linking' y "2'-DEOXYGUANOSINE-5'-MONOPHOSPHATE" ? 'C10 H14 N5 O7 P'  347.221 
DT  'DNA linking' y "THYMIDINE-5'-MONOPHOSPHATE"         ? 'C10 H15 N2 O8 P'  322.208 
HOH non-polymer   . WATER                                ? 'H2 O'             18.015  
RKL non-polymer   . 'Ru(tap)2(dppz) complex'             ? 'C38 H22 N12 Ru 2' 747.732 
# 
loop_
_pdbx_poly_seq_scheme.asym_id 
_pdbx_poly_seq_scheme.entity_id 
_pdbx_poly_seq_scheme.seq_id 
_pdbx_poly_seq_scheme.mon_id 
_pdbx_poly_seq_scheme.ndb_seq_num 
_pdbx_poly_seq_scheme.pdb_seq_num 
_pdbx_poly_seq_scheme.auth_seq_num 
_pdbx_poly_seq_scheme.pdb_mon_id 
_pdbx_poly_seq_scheme.auth_mon_id 
_pdbx_poly_seq_scheme.pdb_strand_id 
_pdbx_poly_seq_scheme.pdb_ins_code 
_pdbx_poly_seq_scheme.hetero 
A 1 1  DC 1  1  1  DC DC A . n 
A 1 2  DC 2  2  2  DC DC A . n 
A 1 3  DG 3  3  3  DG DG A . n 
A 1 4  DG 4  4  4  DG DG A . n 
A 1 5  DA 5  5  5  DA DA A . n 
A 1 6  DT 6  6  6  DT DT A . n 
A 1 7  DC 7  7  7  DC DC A . n 
A 1 8  DC 8  8  8  DC DC A . n 
A 1 9  DG 9  9  9  DG DG A . n 
A 1 10 DG 10 10 10 DG DG A . n 
# 
loop_
_pdbx_nonpoly_scheme.asym_id 
_pdbx_nonpoly_scheme.entity_id 
_pdbx_nonpoly_scheme.mon_id 
_pdbx_nonpoly_scheme.ndb_seq_num 
_pdbx_nonpoly_scheme.pdb_seq_num 
_pdbx_nonpoly_scheme.auth_seq_num 
_pdbx_nonpoly_scheme.pdb_mon_id 
_pdbx_nonpoly_scheme.auth_mon_id 
_pdbx_nonpoly_scheme.pdb_strand_id 
_pdbx_nonpoly_scheme.pdb_ins_code 
B 2 BA  1  101 1  BA  BA  A . 
C 3 RKL 1  102 2  RKL RKL A . 
D 4 CL  1  103 1  CL  CL  A . 
E 5 HOH 1  201 26 HOH HOH A . 
E 5 HOH 2  202 8  HOH HOH A . 
E 5 HOH 3  203 35 HOH HOH A . 
E 5 HOH 4  204 4  HOH HOH A . 
E 5 HOH 5  205 23 HOH HOH A . 
E 5 HOH 6  206 13 HOH HOH A . 
E 5 HOH 7  207 2  HOH HOH A . 
E 5 HOH 8  208 30 HOH HOH A . 
E 5 HOH 9  209 34 HOH HOH A . 
E 5 HOH 10 210 14 HOH HOH A . 
E 5 HOH 11 211 17 HOH HOH A . 
E 5 HOH 12 212 33 HOH HOH A . 
E 5 HOH 13 213 32 HOH HOH A . 
E 5 HOH 14 214 7  HOH HOH A . 
E 5 HOH 15 215 9  HOH HOH A . 
E 5 HOH 16 216 10 HOH HOH A . 
E 5 HOH 17 217 22 HOH HOH A . 
E 5 HOH 18 218 25 HOH HOH A . 
E 5 HOH 19 219 12 HOH HOH A . 
E 5 HOH 20 220 29 HOH HOH A . 
# 
loop_
_software.citation_id 
_software.classification 
_software.compiler_name 
_software.compiler_version 
_software.contact_author 
_software.contact_author_email 
_software.date 
_software.description 
_software.dependencies 
_software.hardware 
_software.language 
_software.location 
_software.mods 
_software.name 
_software.os 
_software.os_version 
_software.type 
_software.version 
_software.pdbx_ordinal 
? refinement       ? ? ? ? ? ? ? ? ? ? ? REFMAC ? ? ? 5.8.0073 1 
? 'data reduction' ? ? ? ? ? ? ? ? ? ? ? xia2   ? ? ? .        2 
? 'model building' ? ? ? ? ? ? ? ? ? ? ? Coot   ? ? ? .        3 
? phasing          ? ? ? ? ? ? ? ? ? ? ? SHELX  ? ? ? .        4 
? 'data scaling'   ? ? ? ? ? ? ? ? ? ? ? xia2   ? ? ? .        5 
# 
_cell.angle_alpha                  90.00 
_cell.angle_alpha_esd              ? 
_cell.angle_beta                   90.00 
_cell.angle_beta_esd               ? 
_cell.angle_gamma                  90.00 
_cell.angle_gamma_esd              ? 
_cell.entry_id                     4YMC 
_cell.details                      ? 
_cell.formula_units_Z              ? 
_cell.length_a                     47.380 
_cell.length_a_esd                 ? 
_cell.length_b                     47.380 
_cell.length_b_esd                 ? 
_cell.length_c                     33.830 
_cell.length_c_esd                 ? 
_cell.volume                       ? 
_cell.volume_esd                   ? 
_cell.Z_PDB                        8 
_cell.reciprocal_angle_alpha       ? 
_cell.reciprocal_angle_beta        ? 
_cell.reciprocal_angle_gamma       ? 
_cell.reciprocal_angle_alpha_esd   ? 
_cell.reciprocal_angle_beta_esd    ? 
_cell.reciprocal_angle_gamma_esd   ? 
_cell.reciprocal_length_a          ? 
_cell.reciprocal_length_b          ? 
_cell.reciprocal_length_c          ? 
_cell.reciprocal_length_a_esd      ? 
_cell.reciprocal_length_b_esd      ? 
_cell.reciprocal_length_c_esd      ? 
_cell.pdbx_unique_axis             ? 
# 
_symmetry.entry_id                         4YMC 
_symmetry.cell_setting                     ? 
_symmetry.Int_Tables_number                96 
_symmetry.space_group_name_Hall            ? 
_symmetry.space_group_name_H-M             'P 43 21 2' 
_symmetry.pdbx_full_space_group_name_H-M   ? 
# 
_exptl.absorpt_coefficient_mu     ? 
_exptl.absorpt_correction_T_max   ? 
_exptl.absorpt_correction_T_min   ? 
_exptl.absorpt_correction_type    ? 
_exptl.absorpt_process_details    ? 
_exptl.entry_id                   4YMC 
_exptl.crystals_number            ? 
_exptl.details                    ? 
_exptl.method                     'X-RAY DIFFRACTION' 
_exptl.method_details             ? 
# 
_exptl_crystal.colour                      ? 
_exptl_crystal.density_diffrn              ? 
_exptl_crystal.density_Matthews            3.12 
_exptl_crystal.density_method              ? 
_exptl_crystal.density_percent_sol         60.53 
_exptl_crystal.description                 ? 
_exptl_crystal.F_000                       ? 
_exptl_crystal.id                          1 
_exptl_crystal.preparation                 ? 
_exptl_crystal.size_max                    ? 
_exptl_crystal.size_mid                    ? 
_exptl_crystal.size_min                    ? 
_exptl_crystal.size_rad                    ? 
_exptl_crystal.colour_lustre               ? 
_exptl_crystal.colour_modifier             ? 
_exptl_crystal.colour_primary              ? 
_exptl_crystal.density_meas                ? 
_exptl_crystal.density_meas_esd            ? 
_exptl_crystal.density_meas_gt             ? 
_exptl_crystal.density_meas_lt             ? 
_exptl_crystal.density_meas_temp           ? 
_exptl_crystal.density_meas_temp_esd       ? 
_exptl_crystal.density_meas_temp_gt        ? 
_exptl_crystal.density_meas_temp_lt        ? 
_exptl_crystal.pdbx_crystal_image_url      ? 
_exptl_crystal.pdbx_crystal_image_format   ? 
_exptl_crystal.pdbx_mosaicity              ? 
_exptl_crystal.pdbx_mosaicity_esd          ? 
# 
_exptl_crystal_grow.apparatus       ? 
_exptl_crystal_grow.atmosphere      ? 
_exptl_crystal_grow.crystal_id      1 
_exptl_crystal_grow.details         ? 
_exptl_crystal_grow.method          'VAPOR DIFFUSION, SITTING DROP' 
_exptl_crystal_grow.method_ref      ? 
_exptl_crystal_grow.pH              7.0 
_exptl_crystal_grow.pressure        ? 
_exptl_crystal_grow.pressure_esd    ? 
_exptl_crystal_grow.seeding         ? 
_exptl_crystal_grow.seeding_ref     ? 
_exptl_crystal_grow.temp            291 
_exptl_crystal_grow.temp_details    ? 
_exptl_crystal_grow.temp_esd        ? 
_exptl_crystal_grow.time            ? 
_exptl_crystal_grow.pdbx_details    
;The crystals were grown, using the sitting drop method, by adding 1 uL of 2mM d(CCGGATCCGG) and 1 uL 4 mM rac-[Ru(TAP)2(dppz)].2Cl to 6 uL of a solution containing 10% (v/v) 2-methyl-2,4-pentanediol, 12 mM spermine-tetraHCL, 20mM BaCl2, 80mM KCl and 40 mM Na-cacodylate pH 7. This was equilibrated, at 18 C, against 500 uL 2-methyl-2,4-pentanediol.
;
_exptl_crystal_grow.pdbx_pH_range   ? 
# 
_diffrn.ambient_environment    ? 
_diffrn.ambient_temp           100 
_diffrn.ambient_temp_details   ? 
_diffrn.ambient_temp_esd       ? 
_diffrn.crystal_id             1 
_diffrn.crystal_support        ? 
_diffrn.crystal_treatment      ? 
_diffrn.details                ? 
_diffrn.id                     1 
_diffrn.ambient_pressure       ? 
_diffrn.ambient_pressure_esd   ? 
_diffrn.ambient_pressure_gt    ? 
_diffrn.ambient_pressure_lt    ? 
_diffrn.ambient_temp_gt        ? 
_diffrn.ambient_temp_lt        ? 
# 
_diffrn_detector.details                      ? 
_diffrn_detector.detector                     PIXEL 
_diffrn_detector.diffrn_id                    1 
_diffrn_detector.type                         'DECTRIS PILATUS 6M-F' 
_diffrn_detector.area_resol_mean              ? 
_diffrn_detector.dtime                        ? 
_diffrn_detector.pdbx_frames_total            ? 
_diffrn_detector.pdbx_collection_time_total   ? 
_diffrn_detector.pdbx_collection_date         2015-02-28 
# 
_diffrn_radiation.collimation                      ? 
_diffrn_radiation.diffrn_id                        1 
_diffrn_radiation.filter_edge                      ? 
_diffrn_radiation.inhomogeneity                    ? 
_diffrn_radiation.monochromator                    ? 
_diffrn_radiation.polarisn_norm                    ? 
_diffrn_radiation.polarisn_ratio                   ? 
_diffrn_radiation.probe                            ? 
_diffrn_radiation.type                             ? 
_diffrn_radiation.xray_symbol                      ? 
_diffrn_radiation.wavelength_id                    1 
_diffrn_radiation.pdbx_monochromatic_or_laue_m_l   M 
_diffrn_radiation.pdbx_wavelength_list             ? 
_diffrn_radiation.pdbx_wavelength                  ? 
_diffrn_radiation.pdbx_diffrn_protocol             'SINGLE WAVELENGTH' 
_diffrn_radiation.pdbx_analyzer                    ? 
_diffrn_radiation.pdbx_scattering_type             x-ray 
# 
_diffrn_radiation_wavelength.id           1 
_diffrn_radiation_wavelength.wavelength   0.97949 
_diffrn_radiation_wavelength.wt           1.0 
# 
_diffrn_source.current                     ? 
_diffrn_source.details                     ? 
_diffrn_source.diffrn_id                   1 
_diffrn_source.power                       ? 
_diffrn_source.size                        ? 
_diffrn_source.source                      SYNCHROTRON 
_diffrn_source.target                      ? 
_diffrn_source.type                        'DIAMOND BEAMLINE I02' 
_diffrn_source.voltage                     ? 
_diffrn_source.take-off_angle              ? 
_diffrn_source.pdbx_wavelength_list        0.97949 
_diffrn_source.pdbx_wavelength             ? 
_diffrn_source.pdbx_synchrotron_beamline   I02 
_diffrn_source.pdbx_synchrotron_site       Diamond 
# 
_reflns.B_iso_Wilson_estimate            ? 
_reflns.entry_id                         4YMC 
_reflns.data_reduction_details           ? 
_reflns.data_reduction_method            ? 
_reflns.d_resolution_high                1.88 
_reflns.d_resolution_low                 33.83 
_reflns.details                          ? 
_reflns.limit_h_max                      ? 
_reflns.limit_h_min                      ? 
_reflns.limit_k_max                      ? 
_reflns.limit_k_min                      ? 
_reflns.limit_l_max                      ? 
_reflns.limit_l_min                      ? 
_reflns.number_all                       ? 
_reflns.number_obs                       3423 
_reflns.observed_criterion               ? 
_reflns.observed_criterion_F_max         ? 
_reflns.observed_criterion_F_min         ? 
_reflns.observed_criterion_I_max         ? 
_reflns.observed_criterion_I_min         ? 
_reflns.observed_criterion_sigma_F       ? 
_reflns.observed_criterion_sigma_I       -3 
_reflns.percent_possible_obs             99.9 
_reflns.R_free_details                   ? 
_reflns.Rmerge_F_all                     ? 
_reflns.Rmerge_F_obs                     ? 
_reflns.Friedel_coverage                 ? 
_reflns.number_gt                        ? 
_reflns.threshold_expression             ? 
_reflns.pdbx_redundancy                  11.7 
_reflns.pdbx_Rmerge_I_obs                0.052 
_reflns.pdbx_Rmerge_I_all                ? 
_reflns.pdbx_Rsym_value                  0.020 
_reflns.pdbx_netI_over_av_sigmaI         ? 
_reflns.pdbx_netI_over_sigmaI            21.1 
_reflns.pdbx_res_netI_over_av_sigmaI_2   ? 
_reflns.pdbx_res_netI_over_sigmaI_2      ? 
_reflns.pdbx_chi_squared                 ? 
_reflns.pdbx_scaling_rejects             ? 
_reflns.pdbx_d_res_high_opt              ? 
_reflns.pdbx_d_res_low_opt               ? 
_reflns.pdbx_d_res_opt_method            ? 
_reflns.phase_calculation_details        ? 
_reflns.pdbx_Rrim_I_all                  ? 
_reflns.pdbx_Rpim_I_all                  ? 
_reflns.pdbx_d_opt                       ? 
_reflns.pdbx_number_measured_all         ? 
_reflns.pdbx_diffrn_id                   1 
_reflns.pdbx_ordinal                     1 
_reflns.pdbx_CC_half                     ? 
_reflns.pdbx_R_split                     ? 
# 
_reflns_shell.d_res_high                  1.88 
_reflns_shell.d_res_low                   1.93 
_reflns_shell.meanI_over_sigI_all         ? 
_reflns_shell.meanI_over_sigI_obs         1.8 
_reflns_shell.number_measured_all         ? 
_reflns_shell.number_measured_obs         ? 
_reflns_shell.number_possible             ? 
_reflns_shell.number_unique_all           ? 
_reflns_shell.number_unique_obs           ? 
_reflns_shell.percent_possible_all        100 
_reflns_shell.percent_possible_obs        ? 
_reflns_shell.Rmerge_F_all                ? 
_reflns_shell.Rmerge_F_obs                ? 
_reflns_shell.Rmerge_I_all                ? 
_reflns_shell.Rmerge_I_obs                1.436 
_reflns_shell.meanI_over_sigI_gt          ? 
_reflns_shell.meanI_over_uI_all           ? 
_reflns_shell.meanI_over_uI_gt            ? 
_reflns_shell.number_measured_gt          ? 
_reflns_shell.number_unique_gt            ? 
_reflns_shell.percent_possible_gt         ? 
_reflns_shell.Rmerge_F_gt                 ? 
_reflns_shell.Rmerge_I_gt                 ? 
_reflns_shell.pdbx_redundancy             12.3 
_reflns_shell.pdbx_Rsym_value             ? 
_reflns_shell.pdbx_chi_squared            ? 
_reflns_shell.pdbx_netI_over_sigmaI_all   ? 
_reflns_shell.pdbx_netI_over_sigmaI_obs   ? 
_reflns_shell.pdbx_Rrim_I_all             ? 
_reflns_shell.pdbx_Rpim_I_all             ? 
_reflns_shell.pdbx_rejects                ? 
_reflns_shell.pdbx_ordinal                1 
_reflns_shell.pdbx_diffrn_id              1 
_reflns_shell.pdbx_CC_half                ? 
_reflns_shell.pdbx_R_split                ? 
# 
_refine.aniso_B[1][1]                            0.95 
_refine.aniso_B[1][2]                            -0.00 
_refine.aniso_B[1][3]                            -0.00 
_refine.aniso_B[2][2]                            0.95 
_refine.aniso_B[2][3]                            0.00 
_refine.aniso_B[3][3]                            -1.90 
_refine.B_iso_max                                ? 
_refine.B_iso_mean                               46.469 
_refine.B_iso_min                                ? 
_refine.correlation_coeff_Fo_to_Fc               0.973 
_refine.correlation_coeff_Fo_to_Fc_free          0.948 
_refine.details                                  'HYDROGENS HAVE BEEN ADDED IN THE RIDING POSITIONS' 
_refine.diff_density_max                         ? 
_refine.diff_density_max_esd                     ? 
_refine.diff_density_min                         ? 
_refine.diff_density_min_esd                     ? 
_refine.diff_density_rms                         ? 
_refine.diff_density_rms_esd                     ? 
_refine.entry_id                                 4YMC 
_refine.pdbx_refine_id                           'X-RAY DIFFRACTION' 
_refine.ls_abs_structure_details                 ? 
_refine.ls_abs_structure_Flack                   ? 
_refine.ls_abs_structure_Flack_esd               ? 
_refine.ls_abs_structure_Rogers                  ? 
_refine.ls_abs_structure_Rogers_esd              ? 
_refine.ls_d_res_high                            1.88 
_refine.ls_d_res_low                             33.83 
_refine.ls_extinction_coef                       ? 
_refine.ls_extinction_coef_esd                   ? 
_refine.ls_extinction_expression                 ? 
_refine.ls_extinction_method                     ? 
_refine.ls_goodness_of_fit_all                   ? 
_refine.ls_goodness_of_fit_all_esd               ? 
_refine.ls_goodness_of_fit_obs                   ? 
_refine.ls_goodness_of_fit_obs_esd               ? 
_refine.ls_hydrogen_treatment                    ? 
_refine.ls_matrix_type                           ? 
_refine.ls_number_constraints                    ? 
_refine.ls_number_parameters                     ? 
_refine.ls_number_reflns_all                     ? 
_refine.ls_number_reflns_obs                     3250 
_refine.ls_number_reflns_R_free                  149 
_refine.ls_number_reflns_R_work                  ? 
_refine.ls_number_restraints                     ? 
_refine.ls_percent_reflns_obs                    99.85 
_refine.ls_percent_reflns_R_free                 4.4 
_refine.ls_R_factor_all                          ? 
_refine.ls_R_factor_obs                          0.20028 
_refine.ls_R_factor_R_free                       0.25736 
_refine.ls_R_factor_R_free_error                 ? 
_refine.ls_R_factor_R_free_error_details         ? 
_refine.ls_R_factor_R_work                       0.19792 
_refine.ls_R_Fsqd_factor_obs                     ? 
_refine.ls_R_I_factor_obs                        ? 
_refine.ls_redundancy_reflns_all                 ? 
_refine.ls_redundancy_reflns_obs                 ? 
_refine.ls_restrained_S_all                      ? 
_refine.ls_restrained_S_obs                      ? 
_refine.ls_shift_over_esd_max                    ? 
_refine.ls_shift_over_esd_mean                   ? 
_refine.ls_structure_factor_coef                 ? 
_refine.ls_weighting_details                     ? 
_refine.ls_weighting_scheme                      ? 
_refine.ls_wR_factor_all                         ? 
_refine.ls_wR_factor_obs                         ? 
_refine.ls_wR_factor_R_free                      ? 
_refine.ls_wR_factor_R_work                      ? 
_refine.occupancy_max                            ? 
_refine.occupancy_min                            ? 
_refine.solvent_model_details                    MASK 
_refine.solvent_model_param_bsol                 ? 
_refine.solvent_model_param_ksol                 ? 
_refine.ls_R_factor_gt                           ? 
_refine.ls_goodness_of_fit_gt                    ? 
_refine.ls_goodness_of_fit_ref                   ? 
_refine.ls_shift_over_su_max                     ? 
_refine.ls_shift_over_su_max_lt                  ? 
_refine.ls_shift_over_su_mean                    ? 
_refine.ls_shift_over_su_mean_lt                 ? 
_refine.pdbx_ls_sigma_I                          ? 
_refine.pdbx_ls_sigma_F                          ? 
_refine.pdbx_ls_sigma_Fsqd                       ? 
_refine.pdbx_data_cutoff_high_absF               ? 
_refine.pdbx_data_cutoff_high_rms_absF           ? 
_refine.pdbx_data_cutoff_low_absF                ? 
_refine.pdbx_isotropic_thermal_model             ? 
_refine.pdbx_ls_cross_valid_method               THROUGHOUT 
_refine.pdbx_method_to_determine_struct          SAD 
_refine.pdbx_starting_model                      ? 
_refine.pdbx_stereochemistry_target_values       'MAXIMUM LIKELIHOOD' 
_refine.pdbx_R_Free_selection_details            RANDOM 
_refine.pdbx_stereochem_target_val_spec_case     ? 
_refine.pdbx_overall_ESU_R                       0.135 
_refine.pdbx_overall_ESU_R_Free                  0.143 
_refine.pdbx_solvent_vdw_probe_radii             1.20 
_refine.pdbx_solvent_ion_probe_radii             0.80 
_refine.pdbx_solvent_shrinkage_radii             0.80 
_refine.pdbx_real_space_R                        ? 
_refine.pdbx_density_correlation                 ? 
_refine.pdbx_pd_number_of_powder_patterns        ? 
_refine.pdbx_pd_number_of_points                 ? 
_refine.pdbx_pd_meas_number_of_points            ? 
_refine.pdbx_pd_proc_ls_prof_R_factor            ? 
_refine.pdbx_pd_proc_ls_prof_wR_factor           ? 
_refine.pdbx_pd_Marquardt_correlation_coeff      ? 
_refine.pdbx_pd_Fsqrd_R_factor                   ? 
_refine.pdbx_pd_ls_matrix_band_width             ? 
_refine.pdbx_overall_phase_error                 ? 
_refine.pdbx_overall_SU_R_free_Cruickshank_DPI   ? 
_refine.pdbx_overall_SU_R_free_Blow_DPI          ? 
_refine.pdbx_overall_SU_R_Blow_DPI               ? 
_refine.pdbx_TLS_residual_ADP_flag               ? 
_refine.pdbx_diffrn_id                           1 
_refine.overall_SU_B                             4.915 
_refine.overall_SU_ML                            0.138 
_refine.overall_SU_R_Cruickshank_DPI             ? 
_refine.overall_SU_R_free                        ? 
_refine.overall_FOM_free_R_set                   ? 
_refine.overall_FOM_work_R_set                   ? 
_refine.pdbx_average_fsc_overall                 ? 
_refine.pdbx_average_fsc_work                    ? 
_refine.pdbx_average_fsc_free                    ? 
# 
_refine_hist.pdbx_refine_id                   'X-RAY DIFFRACTION' 
_refine_hist.cycle_id                         1 
_refine_hist.pdbx_number_atoms_protein        0 
_refine_hist.pdbx_number_atoms_nucleic_acid   202 
_refine_hist.pdbx_number_atoms_ligand         53 
_refine_hist.number_atoms_solvent             20 
_refine_hist.number_atoms_total               275 
_refine_hist.d_res_high                       1.88 
_refine_hist.d_res_low                        33.83 
# 
loop_
_refine_ls_restr.pdbx_refine_id 
_refine_ls_restr.criterion 
_refine_ls_restr.dev_ideal 
_refine_ls_restr.dev_ideal_target 
_refine_ls_restr.number 
_refine_ls_restr.rejects 
_refine_ls_restr.type 
_refine_ls_restr.weight 
_refine_ls_restr.pdbx_restraint_function 
'X-RAY DIFFRACTION' ? 0.015 0.013  290 ? r_bond_refined_d             ? ? 
'X-RAY DIFFRACTION' ? 0.030 0.020  134 ? r_bond_other_d               ? ? 
'X-RAY DIFFRACTION' ? 2.681 1.598  456 ? r_angle_refined_deg          ? ? 
'X-RAY DIFFRACTION' ? 4.372 3.000  308 ? r_angle_other_deg            ? ? 
'X-RAY DIFFRACTION' ? ?     ?      ?   ? r_dihedral_angle_1_deg       ? ? 
'X-RAY DIFFRACTION' ? ?     ?      ?   ? r_dihedral_angle_2_deg       ? ? 
'X-RAY DIFFRACTION' ? ?     ?      ?   ? r_dihedral_angle_3_deg       ? ? 
'X-RAY DIFFRACTION' ? ?     ?      ?   ? r_dihedral_angle_4_deg       ? ? 
'X-RAY DIFFRACTION' ? 0.110 0.200  30  ? r_chiral_restr               ? ? 
'X-RAY DIFFRACTION' ? 0.023 0.020  174 ? r_gen_planes_refined         ? ? 
'X-RAY DIFFRACTION' ? 0.002 0.020  76  ? r_gen_planes_other           ? ? 
'X-RAY DIFFRACTION' ? ?     ?      ?   ? r_nbd_refined                ? ? 
'X-RAY DIFFRACTION' ? ?     ?      ?   ? r_nbd_other                  ? ? 
'X-RAY DIFFRACTION' ? ?     ?      ?   ? r_nbtor_refined              ? ? 
'X-RAY DIFFRACTION' ? ?     ?      ?   ? r_nbtor_other                ? ? 
'X-RAY DIFFRACTION' ? ?     ?      ?   ? r_xyhbond_nbd_refined        ? ? 
'X-RAY DIFFRACTION' ? ?     ?      ?   ? r_xyhbond_nbd_other          ? ? 
'X-RAY DIFFRACTION' ? ?     ?      ?   ? r_metal_ion_refined          ? ? 
'X-RAY DIFFRACTION' ? ?     ?      ?   ? r_metal_ion_other            ? ? 
'X-RAY DIFFRACTION' ? ?     ?      ?   ? r_symmetry_vdw_refined       ? ? 
'X-RAY DIFFRACTION' ? ?     ?      ?   ? r_symmetry_vdw_other         ? ? 
'X-RAY DIFFRACTION' ? ?     ?      ?   ? r_symmetry_hbond_refined     ? ? 
'X-RAY DIFFRACTION' ? ?     ?      ?   ? r_symmetry_hbond_other       ? ? 
'X-RAY DIFFRACTION' ? ?     ?      ?   ? r_symmetry_metal_ion_refined ? ? 
'X-RAY DIFFRACTION' ? ?     ?      ?   ? r_symmetry_metal_ion_other   ? ? 
'X-RAY DIFFRACTION' ? ?     ?      ?   ? r_mcbond_it                  ? ? 
'X-RAY DIFFRACTION' ? ?     ?      ?   ? r_mcbond_other               ? ? 
'X-RAY DIFFRACTION' ? ?     ?      ?   ? r_mcangle_it                 ? ? 
'X-RAY DIFFRACTION' ? ?     ?      ?   ? r_mcangle_other              ? ? 
'X-RAY DIFFRACTION' ? 4.376 4.667  290 ? r_scbond_it                  ? ? 
'X-RAY DIFFRACTION' ? 4.308 4.667  289 ? r_scbond_other               ? ? 
'X-RAY DIFFRACTION' ? ?     ?      ?   ? r_scangle_it                 ? ? 
'X-RAY DIFFRACTION' ? 6.167 6.982  457 ? r_scangle_other              ? ? 
'X-RAY DIFFRACTION' ? 5.361 48.142 630 ? r_long_range_B_refined       ? ? 
'X-RAY DIFFRACTION' ? 5.372 48.141 626 ? r_long_range_B_other         ? ? 
'X-RAY DIFFRACTION' ? ?     ?      ?   ? r_rigid_bond_restr           ? ? 
'X-RAY DIFFRACTION' ? ?     ?      ?   ? r_sphericity_free            ? ? 
'X-RAY DIFFRACTION' ? ?     ?      ?   ? r_sphericity_bonded          ? ? 
# 
_refine_ls_shell.pdbx_refine_id                   'X-RAY DIFFRACTION' 
_refine_ls_shell.d_res_high                       1.880 
_refine_ls_shell.d_res_low                        1.929 
_refine_ls_shell.number_reflns_all                ? 
_refine_ls_shell.number_reflns_obs                ? 
_refine_ls_shell.number_reflns_R_free             11 
_refine_ls_shell.number_reflns_R_work             223 
_refine_ls_shell.percent_reflns_obs               100.00 
_refine_ls_shell.percent_reflns_R_free            ? 
_refine_ls_shell.R_factor_all                     ? 
_refine_ls_shell.R_factor_obs                     ? 
_refine_ls_shell.R_factor_R_free                  0.320 
_refine_ls_shell.R_factor_R_free_error            ? 
_refine_ls_shell.R_factor_R_work                  0.258 
_refine_ls_shell.redundancy_reflns_all            ? 
_refine_ls_shell.redundancy_reflns_obs            ? 
_refine_ls_shell.wR_factor_all                    ? 
_refine_ls_shell.wR_factor_obs                    ? 
_refine_ls_shell.wR_factor_R_free                 ? 
_refine_ls_shell.wR_factor_R_work                 ? 
_refine_ls_shell.pdbx_total_number_of_bins_used   20 
_refine_ls_shell.pdbx_phase_error                 ? 
_refine_ls_shell.pdbx_fsc_work                    ? 
_refine_ls_shell.pdbx_fsc_free                    ? 
# 
_struct.entry_id                     4YMC 
_struct.title                        'Lambda-[Ru(TAP)2(dppz)]2+ bound to d(CCGGATCCGG)2' 
_struct.pdbx_model_details           ? 
_struct.pdbx_formula_weight          ? 
_struct.pdbx_formula_weight_method   ? 
_struct.pdbx_model_type_details      ? 
_struct.pdbx_CASP_flag               ? 
# 
_struct_keywords.entry_id        4YMC 
_struct_keywords.text            'ruthenium, complex, DNA, intercalation' 
_struct_keywords.pdbx_keywords   DNA 
# 
loop_
_struct_asym.id 
_struct_asym.pdbx_blank_PDB_chainid_flag 
_struct_asym.pdbx_modified 
_struct_asym.entity_id 
_struct_asym.details 
A N N 1 ? 
B N N 2 ? 
C N N 3 ? 
D N N 4 ? 
E N N 5 ? 
# 
_struct_ref.id                         1 
_struct_ref.db_name                    PDB 
_struct_ref.db_code                    4YMC 
_struct_ref.pdbx_db_accession          4YMC 
_struct_ref.pdbx_db_isoform            ? 
_struct_ref.entity_id                  1 
_struct_ref.pdbx_seq_one_letter_code   ? 
_struct_ref.pdbx_align_begin           1 
# 
_struct_ref_seq.align_id                      1 
_struct_ref_seq.ref_id                        1 
_struct_ref_seq.pdbx_PDB_id_code              4YMC 
_struct_ref_seq.pdbx_strand_id                A 
_struct_ref_seq.seq_align_beg                 1 
_struct_ref_seq.pdbx_seq_align_beg_ins_code   ? 
_struct_ref_seq.seq_align_end                 10 
_struct_ref_seq.pdbx_seq_align_end_ins_code   ? 
_struct_ref_seq.pdbx_db_accession             4YMC 
_struct_ref_seq.db_align_beg                  1 
_struct_ref_seq.pdbx_db_align_beg_ins_code    ? 
_struct_ref_seq.db_align_end                  10 
_struct_ref_seq.pdbx_db_align_end_ins_code    ? 
_struct_ref_seq.pdbx_auth_seq_align_beg       1 
_struct_ref_seq.pdbx_auth_seq_align_end       10 
# 
_pdbx_struct_assembly.id                   1 
_pdbx_struct_assembly.details              author_and_software_defined_assembly 
_pdbx_struct_assembly.method_details       PISA 
_pdbx_struct_assembly.oligomeric_details   dimeric 
_pdbx_struct_assembly.oligomeric_count     2 
# 
loop_
_pdbx_struct_assembly_prop.biol_id 
_pdbx_struct_assembly_prop.type 
_pdbx_struct_assembly_prop.value 
_pdbx_struct_assembly_prop.details 
1 'ABSA (A^2)' 1940 ? 
1 MORE         -57  ? 
1 'SSA (A^2)'  4950 ? 
# 
_pdbx_struct_assembly_gen.assembly_id       1 
_pdbx_struct_assembly_gen.oper_expression   1,2 
_pdbx_struct_assembly_gen.asym_id_list      A,B,C,D,E 
# 
loop_
_pdbx_struct_oper_list.id 
_pdbx_struct_oper_list.type 
_pdbx_struct_oper_list.name 
_pdbx_struct_oper_list.symmetry_operation 
_pdbx_struct_oper_list.matrix[1][1] 
_pdbx_struct_oper_list.matrix[1][2] 
_pdbx_struct_oper_list.matrix[1][3] 
_pdbx_struct_oper_list.vector[1] 
_pdbx_struct_oper_list.matrix[2][1] 
_pdbx_struct_oper_list.matrix[2][2] 
_pdbx_struct_oper_list.matrix[2][3] 
_pdbx_struct_oper_list.vector[2] 
_pdbx_struct_oper_list.matrix[3][1] 
_pdbx_struct_oper_list.matrix[3][2] 
_pdbx_struct_oper_list.matrix[3][3] 
_pdbx_struct_oper_list.vector[3] 
1 'identity operation'         1_555 x,y,z  1.0000000000  0.0000000000 0.0000000000  0.0000000000  0.0000000000 1.0000000000 0.0000000000  0.0000000000 0.0000000000  0.0000000000  1.0000000000  0.0000000000 
2 'crystal symmetry operation' 7_555 y,x,-z -0.5964515708 0.6744386857 -0.4351758068 -1.8465793518 0.6744386857 0.1271696479 -0.7272965969 3.7623931960 -0.4351758068 -0.7272965969 -0.5307180771 4.1186097605 
# 
loop_
_struct_conn.id 
_struct_conn.conn_type_id 
_struct_conn.pdbx_leaving_atom_flag 
_struct_conn.pdbx_PDB_id 
_struct_conn.ptnr1_label_asym_id 
_struct_conn.ptnr1_label_comp_id 
_struct_conn.ptnr1_label_seq_id 
_struct_conn.ptnr1_label_atom_id 
_struct_conn.pdbx_ptnr1_label_alt_id 
_struct_conn.pdbx_ptnr1_PDB_ins_code 
_struct_conn.pdbx_ptnr1_standard_comp_id 
_struct_conn.ptnr1_symmetry 
_struct_conn.ptnr2_label_asym_id 
_struct_conn.ptnr2_label_comp_id 
_struct_conn.ptnr2_label_seq_id 
_struct_conn.ptnr2_label_atom_id 
_struct_conn.pdbx_ptnr2_label_alt_id 
_struct_conn.pdbx_ptnr2_PDB_ins_code 
_struct_conn.ptnr1_auth_asym_id 
_struct_conn.ptnr1_auth_comp_id 
_struct_conn.ptnr1_auth_seq_id 
_struct_conn.ptnr2_auth_asym_id 
_struct_conn.ptnr2_auth_comp_id 
_struct_conn.ptnr2_auth_seq_id 
_struct_conn.ptnr2_symmetry 
_struct_conn.pdbx_ptnr3_label_atom_id 
_struct_conn.pdbx_ptnr3_label_seq_id 
_struct_conn.pdbx_ptnr3_label_comp_id 
_struct_conn.pdbx_ptnr3_label_asym_id 
_struct_conn.pdbx_ptnr3_label_alt_id 
_struct_conn.pdbx_ptnr3_PDB_ins_code 
_struct_conn.details 
_struct_conn.pdbx_dist_value 
_struct_conn.pdbx_value_order 
_struct_conn.pdbx_role 
metalc1  metalc ? ? A DG 4  O6 ? ? ? 1_555 B BA  .  BA ? ? A DG 4   A BA  101 1_555 ? ? ? ? ? ? ?            2.813 ? ? 
metalc2  metalc ? ? B BA .  BA ? ? ? 1_555 E HOH .  O  ? ? A BA 101 A HOH 202 1_555 ? ? ? ? ? ? ?            2.994 ? ? 
metalc3  metalc ? ? B BA .  BA ? ? ? 1_555 E HOH .  O  ? ? A BA 101 A HOH 204 1_555 ? ? ? ? ? ? ?            2.775 ? ? 
metalc4  metalc ? ? B BA .  BA ? ? ? 1_555 E HOH .  O  ? ? A BA 101 A HOH 205 7_555 ? ? ? ? ? ? ?            2.758 ? ? 
metalc5  metalc ? ? B BA .  BA ? ? ? 1_555 E HOH .  O  ? ? A BA 101 A HOH 208 1_555 ? ? ? ? ? ? ?            2.841 ? ? 
metalc6  metalc ? ? B BA .  BA ? ? ? 1_555 E HOH .  O  ? ? A BA 101 A HOH 210 1_555 ? ? ? ? ? ? ?            2.918 ? ? 
hydrog1  hydrog ? ? A DC 1  N4 ? ? ? 1_555 A DG  10 O6 ? ? A DC 1   A DG  10  7_555 ? ? ? ? ? ? 'DC-DG PAIR' ?     ? ? 
hydrog2  hydrog ? ? A DC 2  N3 ? ? ? 1_555 A DG  9  N1 ? ? A DC 2   A DG  9   7_555 ? ? ? ? ? ? WATSON-CRICK ?     ? ? 
hydrog3  hydrog ? ? A DC 2  N4 ? ? ? 1_555 A DG  9  O6 ? ? A DC 2   A DG  9   7_555 ? ? ? ? ? ? WATSON-CRICK ?     ? ? 
hydrog4  hydrog ? ? A DC 2  O2 ? ? ? 1_555 A DG  9  N2 ? ? A DC 2   A DG  9   7_555 ? ? ? ? ? ? WATSON-CRICK ?     ? ? 
hydrog5  hydrog ? ? A DG 3  N1 ? ? ? 1_555 A DC  8  N3 ? ? A DG 3   A DC  8   7_555 ? ? ? ? ? ? WATSON-CRICK ?     ? ? 
hydrog6  hydrog ? ? A DG 3  N2 ? ? ? 1_555 A DC  8  O2 ? ? A DG 3   A DC  8   7_555 ? ? ? ? ? ? WATSON-CRICK ?     ? ? 
hydrog7  hydrog ? ? A DG 3  O6 ? ? ? 1_555 A DC  8  N4 ? ? A DG 3   A DC  8   7_555 ? ? ? ? ? ? WATSON-CRICK ?     ? ? 
hydrog8  hydrog ? ? A DG 4  N1 ? ? ? 1_555 A DC  7  N3 ? ? A DG 4   A DC  7   7_555 ? ? ? ? ? ? WATSON-CRICK ?     ? ? 
hydrog9  hydrog ? ? A DG 4  N2 ? ? ? 1_555 A DC  7  O2 ? ? A DG 4   A DC  7   7_555 ? ? ? ? ? ? WATSON-CRICK ?     ? ? 
hydrog10 hydrog ? ? A DG 4  O6 ? ? ? 1_555 A DC  7  N4 ? ? A DG 4   A DC  7   7_555 ? ? ? ? ? ? WATSON-CRICK ?     ? ? 
hydrog11 hydrog ? ? A DA 5  N1 ? ? ? 1_555 A DT  6  N3 ? ? A DA 5   A DT  6   7_555 ? ? ? ? ? ? WATSON-CRICK ?     ? ? 
hydrog12 hydrog ? ? A DA 5  N6 ? ? ? 1_555 A DT  6  O4 ? ? A DA 5   A DT  6   7_555 ? ? ? ? ? ? WATSON-CRICK ?     ? ? 
hydrog13 hydrog ? ? A DT 6  N3 ? ? ? 1_555 A DA  5  N1 ? ? A DT 6   A DA  5   7_555 ? ? ? ? ? ? WATSON-CRICK ?     ? ? 
hydrog14 hydrog ? ? A DT 6  O4 ? ? ? 1_555 A DA  5  N6 ? ? A DT 6   A DA  5   7_555 ? ? ? ? ? ? WATSON-CRICK ?     ? ? 
hydrog15 hydrog ? ? A DC 7  N3 ? ? ? 1_555 A DG  4  N1 ? ? A DC 7   A DG  4   7_555 ? ? ? ? ? ? WATSON-CRICK ?     ? ? 
hydrog16 hydrog ? ? A DC 7  N4 ? ? ? 1_555 A DG  4  O6 ? ? A DC 7   A DG  4   7_555 ? ? ? ? ? ? WATSON-CRICK ?     ? ? 
hydrog17 hydrog ? ? A DC 7  O2 ? ? ? 1_555 A DG  4  N2 ? ? A DC 7   A DG  4   7_555 ? ? ? ? ? ? WATSON-CRICK ?     ? ? 
hydrog18 hydrog ? ? A DC 8  N3 ? ? ? 1_555 A DG  3  N1 ? ? A DC 8   A DG  3   7_555 ? ? ? ? ? ? WATSON-CRICK ?     ? ? 
hydrog19 hydrog ? ? A DC 8  N4 ? ? ? 1_555 A DG  3  O6 ? ? A DC 8   A DG  3   7_555 ? ? ? ? ? ? WATSON-CRICK ?     ? ? 
hydrog20 hydrog ? ? A DC 8  O2 ? ? ? 1_555 A DG  3  N2 ? ? A DC 8   A DG  3   7_555 ? ? ? ? ? ? WATSON-CRICK ?     ? ? 
hydrog21 hydrog ? ? A DG 9  N1 ? ? ? 1_555 A DC  2  N3 ? ? A DG 9   A DC  2   7_555 ? ? ? ? ? ? WATSON-CRICK ?     ? ? 
hydrog22 hydrog ? ? A DG 9  N2 ? ? ? 1_555 A DC  2  O2 ? ? A DG 9   A DC  2   7_555 ? ? ? ? ? ? WATSON-CRICK ?     ? ? 
hydrog23 hydrog ? ? A DG 9  O6 ? ? ? 1_555 A DC  2  N4 ? ? A DG 9   A DC  2   7_555 ? ? ? ? ? ? WATSON-CRICK ?     ? ? 
hydrog24 hydrog ? ? A DG 10 O6 ? ? ? 1_555 A DC  1  N4 ? ? A DG 10  A DC  1   7_555 ? ? ? ? ? ? 'DG-DC PAIR' ?     ? ? 
# 
loop_
_struct_conn_type.id 
_struct_conn_type.criteria 
_struct_conn_type.reference 
metalc ? ? 
hydrog ? ? 
# 
loop_
_pdbx_struct_conn_angle.id 
_pdbx_struct_conn_angle.ptnr1_label_atom_id 
_pdbx_struct_conn_angle.ptnr1_label_alt_id 
_pdbx_struct_conn_angle.ptnr1_label_asym_id 
_pdbx_struct_conn_angle.ptnr1_label_comp_id 
_pdbx_struct_conn_angle.ptnr1_label_seq_id 
_pdbx_struct_conn_angle.ptnr1_auth_atom_id 
_pdbx_struct_conn_angle.ptnr1_auth_asym_id 
_pdbx_struct_conn_angle.ptnr1_auth_comp_id 
_pdbx_struct_conn_angle.ptnr1_auth_seq_id 
_pdbx_struct_conn_angle.ptnr1_PDB_ins_code 
_pdbx_struct_conn_angle.ptnr1_symmetry 
_pdbx_struct_conn_angle.ptnr2_label_atom_id 
_pdbx_struct_conn_angle.ptnr2_label_alt_id 
_pdbx_struct_conn_angle.ptnr2_label_asym_id 
_pdbx_struct_conn_angle.ptnr2_label_comp_id 
_pdbx_struct_conn_angle.ptnr2_label_seq_id 
_pdbx_struct_conn_angle.ptnr2_auth_atom_id 
_pdbx_struct_conn_angle.ptnr2_auth_asym_id 
_pdbx_struct_conn_angle.ptnr2_auth_comp_id 
_pdbx_struct_conn_angle.ptnr2_auth_seq_id 
_pdbx_struct_conn_angle.ptnr2_PDB_ins_code 
_pdbx_struct_conn_angle.ptnr2_symmetry 
_pdbx_struct_conn_angle.ptnr3_label_atom_id 
_pdbx_struct_conn_angle.ptnr3_label_alt_id 
_pdbx_struct_conn_angle.ptnr3_label_asym_id 
_pdbx_struct_conn_angle.ptnr3_label_comp_id 
_pdbx_struct_conn_angle.ptnr3_label_seq_id 
_pdbx_struct_conn_angle.ptnr3_auth_atom_id 
_pdbx_struct_conn_angle.ptnr3_auth_asym_id 
_pdbx_struct_conn_angle.ptnr3_auth_comp_id 
_pdbx_struct_conn_angle.ptnr3_auth_seq_id 
_pdbx_struct_conn_angle.ptnr3_PDB_ins_code 
_pdbx_struct_conn_angle.ptnr3_symmetry 
_pdbx_struct_conn_angle.value 
_pdbx_struct_conn_angle.value_esd 
1  O6 ? A DG  4 ? A DG  4   ? 1_555 BA ? B BA . ? A BA 101 ? 1_555 O ? E HOH . ? A HOH 202 ? 1_555 137.7 ? 
2  O6 ? A DG  4 ? A DG  4   ? 1_555 BA ? B BA . ? A BA 101 ? 1_555 O ? E HOH . ? A HOH 204 ? 1_555 69.4  ? 
3  O  ? E HOH . ? A HOH 202 ? 1_555 BA ? B BA . ? A BA 101 ? 1_555 O ? E HOH . ? A HOH 204 ? 1_555 79.5  ? 
4  O6 ? A DG  4 ? A DG  4   ? 1_555 BA ? B BA . ? A BA 101 ? 1_555 O ? E HOH . ? A HOH 205 ? 7_555 70.2  ? 
5  O  ? E HOH . ? A HOH 202 ? 1_555 BA ? B BA . ? A BA 101 ? 1_555 O ? E HOH . ? A HOH 205 ? 7_555 122.8 ? 
6  O  ? E HOH . ? A HOH 204 ? 1_555 BA ? B BA . ? A BA 101 ? 1_555 O ? E HOH . ? A HOH 205 ? 7_555 66.9  ? 
7  O6 ? A DG  4 ? A DG  4   ? 1_555 BA ? B BA . ? A BA 101 ? 1_555 O ? E HOH . ? A HOH 208 ? 1_555 124.4 ? 
8  O  ? E HOH . ? A HOH 202 ? 1_555 BA ? B BA . ? A BA 101 ? 1_555 O ? E HOH . ? A HOH 208 ? 1_555 70.9  ? 
9  O  ? E HOH . ? A HOH 204 ? 1_555 BA ? B BA . ? A BA 101 ? 1_555 O ? E HOH . ? A HOH 208 ? 1_555 146.1 ? 
10 O  ? E HOH . ? A HOH 205 ? 7_555 BA ? B BA . ? A BA 101 ? 1_555 O ? E HOH . ? A HOH 208 ? 1_555 144.5 ? 
11 O6 ? A DG  4 ? A DG  4   ? 1_555 BA ? B BA . ? A BA 101 ? 1_555 O ? E HOH . ? A HOH 210 ? 1_555 84.5  ? 
12 O  ? E HOH . ? A HOH 202 ? 1_555 BA ? B BA . ? A BA 101 ? 1_555 O ? E HOH . ? A HOH 210 ? 1_555 137.0 ? 
13 O  ? E HOH . ? A HOH 204 ? 1_555 BA ? B BA . ? A BA 101 ? 1_555 O ? E HOH . ? A HOH 210 ? 1_555 136.7 ? 
14 O  ? E HOH . ? A HOH 205 ? 7_555 BA ? B BA . ? A BA 101 ? 1_555 O ? E HOH . ? A HOH 210 ? 1_555 72.0  ? 
15 O  ? E HOH . ? A HOH 208 ? 1_555 BA ? B BA . ? A BA 101 ? 1_555 O ? E HOH . ? A HOH 210 ? 1_555 77.2  ? 
# 
loop_
_struct_site.id 
_struct_site.pdbx_evidence_code 
_struct_site.pdbx_auth_asym_id 
_struct_site.pdbx_auth_comp_id 
_struct_site.pdbx_auth_seq_id 
_struct_site.pdbx_auth_ins_code 
_struct_site.pdbx_num_residues 
_struct_site.details 
AC1 Software A BA  101 ? 8  'binding site for residue BA A 101'  
AC2 Software A RKL 102 ? 10 'binding site for residue RKL A 102' 
AC3 Software A CL  103 ? 3  'binding site for residue CL A 103'  
# 
loop_
_struct_site_gen.id 
_struct_site_gen.site_id 
_struct_site_gen.pdbx_num_res 
_struct_site_gen.label_comp_id 
_struct_site_gen.label_asym_id 
_struct_site_gen.label_seq_id 
_struct_site_gen.pdbx_auth_ins_code 
_struct_site_gen.auth_comp_id 
_struct_site_gen.auth_asym_id 
_struct_site_gen.auth_seq_id 
_struct_site_gen.label_atom_id 
_struct_site_gen.label_alt_id 
_struct_site_gen.symmetry 
_struct_site_gen.details 
1  AC1 8  DG  A 3  ? DG  A 3   . ? 1_555 ? 
2  AC1 8  DG  A 4  ? DG  A 4   . ? 1_555 ? 
3  AC1 8  HOH E .  ? HOH A 204 . ? 1_555 ? 
4  AC1 8  HOH E .  ? HOH A 205 . ? 7_555 ? 
5  AC1 8  HOH E .  ? HOH A 210 . ? 1_555 ? 
6  AC1 8  HOH E .  ? HOH A 219 . ? 1_555 ? 
7  AC1 8  HOH E .  ? HOH A 202 . ? 1_555 ? 
8  AC1 8  HOH E .  ? HOH A 208 . ? 1_555 ? 
9  AC2 10 DC  A 1  ? DC  A 1   . ? 3_544 ? 
10 AC2 10 DC  A 2  ? DC  A 2   . ? 3_544 ? 
11 AC2 10 DG  A 3  ? DG  A 3   . ? 3_544 ? 
12 AC2 10 DG  A 3  ? DG  A 3   . ? 1_555 ? 
13 AC2 10 DG  A 4  ? DG  A 4   . ? 1_555 ? 
14 AC2 10 DC  A 7  ? DC  A 7   . ? 7_555 ? 
15 AC2 10 DC  A 8  ? DC  A 8   . ? 7_555 ? 
16 AC2 10 DG  A 9  ? DG  A 9   . ? 5_544 ? 
17 AC2 10 DG  A 10 ? DG  A 10  . ? 5_544 ? 
18 AC2 10 CL  D .  ? CL  A 103 . ? 1_555 ? 
19 AC3 3  DG  A 4  ? DG  A 4   . ? 1_555 ? 
20 AC3 3  DA  A 5  ? DA  A 5   . ? 1_555 ? 
21 AC3 3  RKL C .  ? RKL A 102 . ? 1_555 ? 
# 
_pdbx_validate_rmsd_angle.id                         1 
_pdbx_validate_rmsd_angle.PDB_model_num              1 
_pdbx_validate_rmsd_angle.auth_atom_id_1             "C5'" 
_pdbx_validate_rmsd_angle.auth_asym_id_1             A 
_pdbx_validate_rmsd_angle.auth_comp_id_1             DC 
_pdbx_validate_rmsd_angle.auth_seq_id_1              1 
_pdbx_validate_rmsd_angle.PDB_ins_code_1             ? 
_pdbx_validate_rmsd_angle.label_alt_id_1             ? 
_pdbx_validate_rmsd_angle.auth_atom_id_2             "C4'" 
_pdbx_validate_rmsd_angle.auth_asym_id_2             A 
_pdbx_validate_rmsd_angle.auth_comp_id_2             DC 
_pdbx_validate_rmsd_angle.auth_seq_id_2              1 
_pdbx_validate_rmsd_angle.PDB_ins_code_2             ? 
_pdbx_validate_rmsd_angle.label_alt_id_2             ? 
_pdbx_validate_rmsd_angle.auth_atom_id_3             "O4'" 
_pdbx_validate_rmsd_angle.auth_asym_id_3             A 
_pdbx_validate_rmsd_angle.auth_comp_id_3             DC 
_pdbx_validate_rmsd_angle.auth_seq_id_3              1 
_pdbx_validate_rmsd_angle.PDB_ins_code_3             ? 
_pdbx_validate_rmsd_angle.label_alt_id_3             ? 
_pdbx_validate_rmsd_angle.angle_value                122.21 
_pdbx_validate_rmsd_angle.angle_target_value         109.80 
_pdbx_validate_rmsd_angle.angle_deviation            12.41 
_pdbx_validate_rmsd_angle.angle_standard_deviation   1.10 
_pdbx_validate_rmsd_angle.linker_flag                N 
# 
_pdbx_struct_special_symmetry.id              1 
_pdbx_struct_special_symmetry.PDB_model_num   1 
_pdbx_struct_special_symmetry.auth_asym_id    A 
_pdbx_struct_special_symmetry.auth_comp_id    HOH 
_pdbx_struct_special_symmetry.auth_seq_id     213 
_pdbx_struct_special_symmetry.PDB_ins_code    ? 
_pdbx_struct_special_symmetry.label_asym_id   E 
_pdbx_struct_special_symmetry.label_comp_id   HOH 
_pdbx_struct_special_symmetry.label_seq_id    . 
# 
loop_
_chem_comp_atom.comp_id 
_chem_comp_atom.atom_id 
_chem_comp_atom.type_symbol 
_chem_comp_atom.pdbx_aromatic_flag 
_chem_comp_atom.pdbx_stereo_config 
_chem_comp_atom.pdbx_ordinal 
BA  BA     BA N N 1   
CL  CL     CL N N 2   
DA  OP3    O  N N 3   
DA  P      P  N N 4   
DA  OP1    O  N N 5   
DA  OP2    O  N N 6   
DA  "O5'"  O  N N 7   
DA  "C5'"  C  N N 8   
DA  "C4'"  C  N R 9   
DA  "O4'"  O  N N 10  
DA  "C3'"  C  N S 11  
DA  "O3'"  O  N N 12  
DA  "C2'"  C  N N 13  
DA  "C1'"  C  N R 14  
DA  N9     N  Y N 15  
DA  C8     C  Y N 16  
DA  N7     N  Y N 17  
DA  C5     C  Y N 18  
DA  C6     C  Y N 19  
DA  N6     N  N N 20  
DA  N1     N  Y N 21  
DA  C2     C  Y N 22  
DA  N3     N  Y N 23  
DA  C4     C  Y N 24  
DA  HOP3   H  N N 25  
DA  HOP2   H  N N 26  
DA  "H5'"  H  N N 27  
DA  "H5''" H  N N 28  
DA  "H4'"  H  N N 29  
DA  "H3'"  H  N N 30  
DA  "HO3'" H  N N 31  
DA  "H2'"  H  N N 32  
DA  "H2''" H  N N 33  
DA  "H1'"  H  N N 34  
DA  H8     H  N N 35  
DA  H61    H  N N 36  
DA  H62    H  N N 37  
DA  H2     H  N N 38  
DC  OP3    O  N N 39  
DC  P      P  N N 40  
DC  OP1    O  N N 41  
DC  OP2    O  N N 42  
DC  "O5'"  O  N N 43  
DC  "C5'"  C  N N 44  
DC  "C4'"  C  N R 45  
DC  "O4'"  O  N N 46  
DC  "C3'"  C  N S 47  
DC  "O3'"  O  N N 48  
DC  "C2'"  C  N N 49  
DC  "C1'"  C  N R 50  
DC  N1     N  N N 51  
DC  C2     C  N N 52  
DC  O2     O  N N 53  
DC  N3     N  N N 54  
DC  C4     C  N N 55  
DC  N4     N  N N 56  
DC  C5     C  N N 57  
DC  C6     C  N N 58  
DC  HOP3   H  N N 59  
DC  HOP2   H  N N 60  
DC  "H5'"  H  N N 61  
DC  "H5''" H  N N 62  
DC  "H4'"  H  N N 63  
DC  "H3'"  H  N N 64  
DC  "HO3'" H  N N 65  
DC  "H2'"  H  N N 66  
DC  "H2''" H  N N 67  
DC  "H1'"  H  N N 68  
DC  H41    H  N N 69  
DC  H42    H  N N 70  
DC  H5     H  N N 71  
DC  H6     H  N N 72  
DG  OP3    O  N N 73  
DG  P      P  N N 74  
DG  OP1    O  N N 75  
DG  OP2    O  N N 76  
DG  "O5'"  O  N N 77  
DG  "C5'"  C  N N 78  
DG  "C4'"  C  N R 79  
DG  "O4'"  O  N N 80  
DG  "C3'"  C  N S 81  
DG  "O3'"  O  N N 82  
DG  "C2'"  C  N N 83  
DG  "C1'"  C  N R 84  
DG  N9     N  Y N 85  
DG  C8     C  Y N 86  
DG  N7     N  Y N 87  
DG  C5     C  Y N 88  
DG  C6     C  N N 89  
DG  O6     O  N N 90  
DG  N1     N  N N 91  
DG  C2     C  N N 92  
DG  N2     N  N N 93  
DG  N3     N  N N 94  
DG  C4     C  Y N 95  
DG  HOP3   H  N N 96  
DG  HOP2   H  N N 97  
DG  "H5'"  H  N N 98  
DG  "H5''" H  N N 99  
DG  "H4'"  H  N N 100 
DG  "H3'"  H  N N 101 
DG  "HO3'" H  N N 102 
DG  "H2'"  H  N N 103 
DG  "H2''" H  N N 104 
DG  "H1'"  H  N N 105 
DG  H8     H  N N 106 
DG  H1     H  N N 107 
DG  H21    H  N N 108 
DG  H22    H  N N 109 
DT  OP3    O  N N 110 
DT  P      P  N N 111 
DT  OP1    O  N N 112 
DT  OP2    O  N N 113 
DT  "O5'"  O  N N 114 
DT  "C5'"  C  N N 115 
DT  "C4'"  C  N R 116 
DT  "O4'"  O  N N 117 
DT  "C3'"  C  N S 118 
DT  "O3'"  O  N N 119 
DT  "C2'"  C  N N 120 
DT  "C1'"  C  N R 121 
DT  N1     N  N N 122 
DT  C2     C  N N 123 
DT  O2     O  N N 124 
DT  N3     N  N N 125 
DT  C4     C  N N 126 
DT  O4     O  N N 127 
DT  C5     C  N N 128 
DT  C7     C  N N 129 
DT  C6     C  N N 130 
DT  HOP3   H  N N 131 
DT  HOP2   H  N N 132 
DT  "H5'"  H  N N 133 
DT  "H5''" H  N N 134 
DT  "H4'"  H  N N 135 
DT  "H3'"  H  N N 136 
DT  "HO3'" H  N N 137 
DT  "H2'"  H  N N 138 
DT  "H2''" H  N N 139 
DT  "H1'"  H  N N 140 
DT  H3     H  N N 141 
DT  H71    H  N N 142 
DT  H72    H  N N 143 
DT  H73    H  N N 144 
DT  H6     H  N N 145 
HOH O      O  N N 146 
HOH H1     H  N N 147 
HOH H2     H  N N 148 
RKL RU     RU N N 149 
RKL C1     C  Y N 150 
RKL N1     N  Y N 151 
RKL C2     C  Y N 152 
RKL N2     N  Y N 153 
RKL C3     C  Y N 154 
RKL N3     N  Y N 155 
RKL C4     C  Y N 156 
RKL N4     N  Y N 157 
RKL C5     C  Y N 158 
RKL N5     N  Y N 159 
RKL C6     C  Y N 160 
RKL N6     N  Y N 161 
RKL C7     C  Y N 162 
RKL N7     N  Y N 163 
RKL C8     C  Y N 164 
RKL N8     N  Y N 165 
RKL C9     C  Y N 166 
RKL N9     N  Y N 167 
RKL C10    C  Y N 168 
RKL N10    N  Y N 169 
RKL C11    C  Y N 170 
RKL N11    N  Y N 171 
RKL C12    C  Y N 172 
RKL N12    N  Y N 173 
RKL C13    C  Y N 174 
RKL C14    C  Y N 175 
RKL C15    C  Y N 176 
RKL C16    C  Y N 177 
RKL C17    C  Y N 178 
RKL C18    C  Y N 179 
RKL C19    C  Y N 180 
RKL C20    C  Y N 181 
RKL C21    C  Y N 182 
RKL C22    C  Y N 183 
RKL C23    C  Y N 184 
RKL C24    C  Y N 185 
RKL C25    C  Y N 186 
RKL C26    C  Y N 187 
RKL C27    C  Y N 188 
RKL C28    C  Y N 189 
RKL C29    C  Y N 190 
RKL C30    C  Y N 191 
RKL C31    C  Y N 192 
RKL C32    C  Y N 193 
RKL C33    C  Y N 194 
RKL C34    C  Y N 195 
RKL C35    C  Y N 196 
RKL C36    C  Y N 197 
RKL C37    C  Y N 198 
RKL C38    C  Y N 199 
RKL H2     H  N N 200 
RKL H3     H  N N 201 
RKL H4     H  N N 202 
RKL H9     H  N N 203 
RKL H11    H  N N 204 
RKL H12    H  N N 205 
RKL H14    H  N N 206 
RKL H16    H  N N 207 
RKL H17    H  N N 208 
RKL H18    H  N N 209 
RKL H20    H  N N 210 
RKL H21    H  N N 211 
RKL H23    H  N N 212 
RKL H24    H  N N 213 
RKL H27    H  N N 214 
RKL H28    H  N N 215 
RKL H30    H  N N 216 
RKL H31    H  N N 217 
RKL H33    H  N N 218 
RKL H34    H  N N 219 
RKL H37    H  N N 220 
RKL H38    H  N N 221 
# 
loop_
_chem_comp_bond.comp_id 
_chem_comp_bond.atom_id_1 
_chem_comp_bond.atom_id_2 
_chem_comp_bond.value_order 
_chem_comp_bond.pdbx_aromatic_flag 
_chem_comp_bond.pdbx_stereo_config 
_chem_comp_bond.pdbx_ordinal 
DA  OP3   P      sing N N 1   
DA  OP3   HOP3   sing N N 2   
DA  P     OP1    doub N N 3   
DA  P     OP2    sing N N 4   
DA  P     "O5'"  sing N N 5   
DA  OP2   HOP2   sing N N 6   
DA  "O5'" "C5'"  sing N N 7   
DA  "C5'" "C4'"  sing N N 8   
DA  "C5'" "H5'"  sing N N 9   
DA  "C5'" "H5''" sing N N 10  
DA  "C4'" "O4'"  sing N N 11  
DA  "C4'" "C3'"  sing N N 12  
DA  "C4'" "H4'"  sing N N 13  
DA  "O4'" "C1'"  sing N N 14  
DA  "C3'" "O3'"  sing N N 15  
DA  "C3'" "C2'"  sing N N 16  
DA  "C3'" "H3'"  sing N N 17  
DA  "O3'" "HO3'" sing N N 18  
DA  "C2'" "C1'"  sing N N 19  
DA  "C2'" "H2'"  sing N N 20  
DA  "C2'" "H2''" sing N N 21  
DA  "C1'" N9     sing N N 22  
DA  "C1'" "H1'"  sing N N 23  
DA  N9    C8     sing Y N 24  
DA  N9    C4     sing Y N 25  
DA  C8    N7     doub Y N 26  
DA  C8    H8     sing N N 27  
DA  N7    C5     sing Y N 28  
DA  C5    C6     sing Y N 29  
DA  C5    C4     doub Y N 30  
DA  C6    N6     sing N N 31  
DA  C6    N1     doub Y N 32  
DA  N6    H61    sing N N 33  
DA  N6    H62    sing N N 34  
DA  N1    C2     sing Y N 35  
DA  C2    N3     doub Y N 36  
DA  C2    H2     sing N N 37  
DA  N3    C4     sing Y N 38  
DC  OP3   P      sing N N 39  
DC  OP3   HOP3   sing N N 40  
DC  P     OP1    doub N N 41  
DC  P     OP2    sing N N 42  
DC  P     "O5'"  sing N N 43  
DC  OP2   HOP2   sing N N 44  
DC  "O5'" "C5'"  sing N N 45  
DC  "C5'" "C4'"  sing N N 46  
DC  "C5'" "H5'"  sing N N 47  
DC  "C5'" "H5''" sing N N 48  
DC  "C4'" "O4'"  sing N N 49  
DC  "C4'" "C3'"  sing N N 50  
DC  "C4'" "H4'"  sing N N 51  
DC  "O4'" "C1'"  sing N N 52  
DC  "C3'" "O3'"  sing N N 53  
DC  "C3'" "C2'"  sing N N 54  
DC  "C3'" "H3'"  sing N N 55  
DC  "O3'" "HO3'" sing N N 56  
DC  "C2'" "C1'"  sing N N 57  
DC  "C2'" "H2'"  sing N N 58  
DC  "C2'" "H2''" sing N N 59  
DC  "C1'" N1     sing N N 60  
DC  "C1'" "H1'"  sing N N 61  
DC  N1    C2     sing N N 62  
DC  N1    C6     sing N N 63  
DC  C2    O2     doub N N 64  
DC  C2    N3     sing N N 65  
DC  N3    C4     doub N N 66  
DC  C4    N4     sing N N 67  
DC  C4    C5     sing N N 68  
DC  N4    H41    sing N N 69  
DC  N4    H42    sing N N 70  
DC  C5    C6     doub N N 71  
DC  C5    H5     sing N N 72  
DC  C6    H6     sing N N 73  
DG  OP3   P      sing N N 74  
DG  OP3   HOP3   sing N N 75  
DG  P     OP1    doub N N 76  
DG  P     OP2    sing N N 77  
DG  P     "O5'"  sing N N 78  
DG  OP2   HOP2   sing N N 79  
DG  "O5'" "C5'"  sing N N 80  
DG  "C5'" "C4'"  sing N N 81  
DG  "C5'" "H5'"  sing N N 82  
DG  "C5'" "H5''" sing N N 83  
DG  "C4'" "O4'"  sing N N 84  
DG  "C4'" "C3'"  sing N N 85  
DG  "C4'" "H4'"  sing N N 86  
DG  "O4'" "C1'"  sing N N 87  
DG  "C3'" "O3'"  sing N N 88  
DG  "C3'" "C2'"  sing N N 89  
DG  "C3'" "H3'"  sing N N 90  
DG  "O3'" "HO3'" sing N N 91  
DG  "C2'" "C1'"  sing N N 92  
DG  "C2'" "H2'"  sing N N 93  
DG  "C2'" "H2''" sing N N 94  
DG  "C1'" N9     sing N N 95  
DG  "C1'" "H1'"  sing N N 96  
DG  N9    C8     sing Y N 97  
DG  N9    C4     sing Y N 98  
DG  C8    N7     doub Y N 99  
DG  C8    H8     sing N N 100 
DG  N7    C5     sing Y N 101 
DG  C5    C6     sing N N 102 
DG  C5    C4     doub Y N 103 
DG  C6    O6     doub N N 104 
DG  C6    N1     sing N N 105 
DG  N1    C2     sing N N 106 
DG  N1    H1     sing N N 107 
DG  C2    N2     sing N N 108 
DG  C2    N3     doub N N 109 
DG  N2    H21    sing N N 110 
DG  N2    H22    sing N N 111 
DG  N3    C4     sing N N 112 
DT  OP3   P      sing N N 113 
DT  OP3   HOP3   sing N N 114 
DT  P     OP1    doub N N 115 
DT  P     OP2    sing N N 116 
DT  P     "O5'"  sing N N 117 
DT  OP2   HOP2   sing N N 118 
DT  "O5'" "C5'"  sing N N 119 
DT  "C5'" "C4'"  sing N N 120 
DT  "C5'" "H5'"  sing N N 121 
DT  "C5'" "H5''" sing N N 122 
DT  "C4'" "O4'"  sing N N 123 
DT  "C4'" "C3'"  sing N N 124 
DT  "C4'" "H4'"  sing N N 125 
DT  "O4'" "C1'"  sing N N 126 
DT  "C3'" "O3'"  sing N N 127 
DT  "C3'" "C2'"  sing N N 128 
DT  "C3'" "H3'"  sing N N 129 
DT  "O3'" "HO3'" sing N N 130 
DT  "C2'" "C1'"  sing N N 131 
DT  "C2'" "H2'"  sing N N 132 
DT  "C2'" "H2''" sing N N 133 
DT  "C1'" N1     sing N N 134 
DT  "C1'" "H1'"  sing N N 135 
DT  N1    C2     sing N N 136 
DT  N1    C6     sing N N 137 
DT  C2    O2     doub N N 138 
DT  C2    N3     sing N N 139 
DT  N3    C4     sing N N 140 
DT  N3    H3     sing N N 141 
DT  C4    O4     doub N N 142 
DT  C4    C5     sing N N 143 
DT  C5    C7     sing N N 144 
DT  C5    C6     doub N N 145 
DT  C7    H71    sing N N 146 
DT  C7    H72    sing N N 147 
DT  C7    H73    sing N N 148 
DT  C6    H6     sing N N 149 
HOH O     H1     sing N N 150 
HOH O     H2     sing N N 151 
RKL RU    N1     sing N N 152 
RKL RU    N2     sing N N 153 
RKL RU    N5     sing N N 154 
RKL RU    N8     sing N N 155 
RKL RU    N9     sing N N 156 
RKL RU    N12    sing N N 157 
RKL C1    N2     doub Y N 158 
RKL C1    C5     sing Y N 159 
RKL C1    C10    sing Y N 160 
RKL N1    C10    doub Y N 161 
RKL N1    C12    sing Y N 162 
RKL C2    N2     sing Y N 163 
RKL C2    C3     doub Y N 164 
RKL C2    H2     sing N N 165 
RKL C3    C4     sing Y N 166 
RKL C3    H3     sing N N 167 
RKL N3    C6     doub Y N 168 
RKL N3    C15    sing Y N 169 
RKL C4    C5     doub Y N 170 
RKL C4    H4     sing N N 171 
RKL N4    C7     doub Y N 172 
RKL N4    C13    sing Y N 173 
RKL C5    C6     sing Y N 174 
RKL N5    C19    doub Y N 175 
RKL N5    C20    sing Y N 176 
RKL C6    C7     sing Y N 177 
RKL N6    C21    sing Y N 178 
RKL N6    C22    doub Y N 179 
RKL C7    C8     sing Y N 180 
RKL N7    C25    doub Y N 181 
RKL N7    C27    sing Y N 182 
RKL C8    C9     doub Y N 183 
RKL C8    C10    sing Y N 184 
RKL N8    C26    doub Y N 185 
RKL N8    C28    sing Y N 186 
RKL C9    C11    sing Y N 187 
RKL C9    H9     sing N N 188 
RKL N9    C29    doub Y N 189 
RKL N9    C30    sing Y N 190 
RKL N10   C31    sing Y N 191 
RKL N10   C32    doub Y N 192 
RKL C11   C12    doub Y N 193 
RKL C11   H11    sing N N 194 
RKL N11   C35    doub Y N 195 
RKL N11   C37    sing Y N 196 
RKL C12   H12    sing N N 197 
RKL N12   C36    doub Y N 198 
RKL N12   C38    sing Y N 199 
RKL C13   C14    sing Y N 200 
RKL C13   C15    doub Y N 201 
RKL C14   C18    doub Y N 202 
RKL C14   H14    sing N N 203 
RKL C15   C16    sing Y N 204 
RKL C16   C17    doub Y N 205 
RKL C16   H16    sing N N 206 
RKL C17   C18    sing Y N 207 
RKL C17   H17    sing N N 208 
RKL C18   H18    sing N N 209 
RKL C19   C22    sing Y N 210 
RKL C19   C26    sing Y N 211 
RKL C20   C21    doub Y N 212 
RKL C20   H20    sing N N 213 
RKL C21   H21    sing N N 214 
RKL C22   C23    sing Y N 215 
RKL C23   C24    doub Y N 216 
RKL C23   H23    sing N N 217 
RKL C24   C25    sing Y N 218 
RKL C24   H24    sing N N 219 
RKL C25   C26    sing Y N 220 
RKL C27   C28    doub Y N 221 
RKL C27   H27    sing N N 222 
RKL C28   H28    sing N N 223 
RKL C29   C32    sing Y N 224 
RKL C29   C36    sing Y N 225 
RKL C30   C31    doub Y N 226 
RKL C30   H30    sing N N 227 
RKL C31   H31    sing N N 228 
RKL C32   C33    sing Y N 229 
RKL C33   C34    doub Y N 230 
RKL C33   H33    sing N N 231 
RKL C34   C35    sing Y N 232 
RKL C34   H34    sing N N 233 
RKL C35   C36    sing Y N 234 
RKL C37   C38    doub Y N 235 
RKL C37   H37    sing N N 236 
RKL C38   H38    sing N N 237 
# 
loop_
_ndb_struct_conf_na.entry_id 
_ndb_struct_conf_na.feature 
4YMC 'double helix'        
4YMC 'b-form double helix' 
# 
loop_
_ndb_struct_na_base_pair.model_number 
_ndb_struct_na_base_pair.i_label_asym_id 
_ndb_struct_na_base_pair.i_label_comp_id 
_ndb_struct_na_base_pair.i_label_seq_id 
_ndb_struct_na_base_pair.i_symmetry 
_ndb_struct_na_base_pair.j_label_asym_id 
_ndb_struct_na_base_pair.j_label_comp_id 
_ndb_struct_na_base_pair.j_label_seq_id 
_ndb_struct_na_base_pair.j_symmetry 
_ndb_struct_na_base_pair.shear 
_ndb_struct_na_base_pair.stretch 
_ndb_struct_na_base_pair.stagger 
_ndb_struct_na_base_pair.buckle 
_ndb_struct_na_base_pair.propeller 
_ndb_struct_na_base_pair.opening 
_ndb_struct_na_base_pair.pair_number 
_ndb_struct_na_base_pair.pair_name 
_ndb_struct_na_base_pair.i_auth_asym_id 
_ndb_struct_na_base_pair.i_auth_seq_id 
_ndb_struct_na_base_pair.i_PDB_ins_code 
_ndb_struct_na_base_pair.j_auth_asym_id 
_ndb_struct_na_base_pair.j_auth_seq_id 
_ndb_struct_na_base_pair.j_PDB_ins_code 
_ndb_struct_na_base_pair.hbond_type_28 
_ndb_struct_na_base_pair.hbond_type_12 
1 A DC 1  1_555 A DG 10 7_555 0.354  1.940  0.146  1.731   16.639  -80.865 1  A_DC1:DG10_A A 1  ? A 10 ? ?  ? 
1 A DC 2  1_555 A DG 9  7_555 0.287  -0.123 -0.103 -6.777  4.785   -1.137  2  A_DC2:DG9_A  A 2  ? A 9  ? 19 1 
1 A DG 3  1_555 A DC 8  7_555 -0.095 -0.028 0.082  22.643  -7.778  1.718   3  A_DG3:DC8_A  A 3  ? A 8  ? 19 1 
1 A DG 4  1_555 A DC 7  7_555 -0.069 -0.075 -0.136 -10.182 3.087   -0.671  4  A_DG4:DC7_A  A 4  ? A 7  ? 19 1 
1 A DA 5  1_555 A DT 6  7_555 -0.060 -0.403 0.293  -3.137  -7.416  2.704   5  A_DA5:DT6_A  A 5  ? A 6  ? 20 1 
1 A DT 6  1_555 A DA 5  7_555 0.060  -0.403 0.293  3.137   -7.416  2.704   6  A_DT6:DA5_A  A 6  ? A 5  ? 20 1 
1 A DC 7  1_555 A DG 4  7_555 0.069  -0.075 -0.136 10.182  3.087   -0.671  7  A_DC7:DG4_A  A 7  ? A 4  ? 19 1 
1 A DC 8  1_555 A DG 3  7_555 0.095  -0.028 0.082  -22.643 -7.778  1.718   8  A_DC8:DG3_A  A 8  ? A 3  ? 19 1 
1 A DG 9  1_555 A DC 2  7_555 -0.287 -0.123 -0.103 6.777   4.785   -1.137  9  A_DG9:DC2_A  A 9  ? A 2  ? 19 1 
1 A DG 10 1_555 A DC 1  7_555 -0.354 -1.940 -0.146 -1.731  -16.639 80.865  10 A_DG10:DC1_A A 10 ? A 1  ? ?  ? 
# 
loop_
_ndb_struct_na_base_pair_step.model_number 
_ndb_struct_na_base_pair_step.i_label_asym_id_1 
_ndb_struct_na_base_pair_step.i_label_comp_id_1 
_ndb_struct_na_base_pair_step.i_label_seq_id_1 
_ndb_struct_na_base_pair_step.i_symmetry_1 
_ndb_struct_na_base_pair_step.j_label_asym_id_1 
_ndb_struct_na_base_pair_step.j_label_comp_id_1 
_ndb_struct_na_base_pair_step.j_label_seq_id_1 
_ndb_struct_na_base_pair_step.j_symmetry_1 
_ndb_struct_na_base_pair_step.i_label_asym_id_2 
_ndb_struct_na_base_pair_step.i_label_comp_id_2 
_ndb_struct_na_base_pair_step.i_label_seq_id_2 
_ndb_struct_na_base_pair_step.i_symmetry_2 
_ndb_struct_na_base_pair_step.j_label_asym_id_2 
_ndb_struct_na_base_pair_step.j_label_comp_id_2 
_ndb_struct_na_base_pair_step.j_label_seq_id_2 
_ndb_struct_na_base_pair_step.j_symmetry_2 
_ndb_struct_na_base_pair_step.shift 
_ndb_struct_na_base_pair_step.slide 
_ndb_struct_na_base_pair_step.rise 
_ndb_struct_na_base_pair_step.tilt 
_ndb_struct_na_base_pair_step.roll 
_ndb_struct_na_base_pair_step.twist 
_ndb_struct_na_base_pair_step.x_displacement 
_ndb_struct_na_base_pair_step.y_displacement 
_ndb_struct_na_base_pair_step.helical_rise 
_ndb_struct_na_base_pair_step.inclination 
_ndb_struct_na_base_pair_step.tip 
_ndb_struct_na_base_pair_step.helical_twist 
_ndb_struct_na_base_pair_step.step_number 
_ndb_struct_na_base_pair_step.step_name 
_ndb_struct_na_base_pair_step.i_auth_asym_id_1 
_ndb_struct_na_base_pair_step.i_auth_seq_id_1 
_ndb_struct_na_base_pair_step.i_PDB_ins_code_1 
_ndb_struct_na_base_pair_step.j_auth_asym_id_1 
_ndb_struct_na_base_pair_step.j_auth_seq_id_1 
_ndb_struct_na_base_pair_step.j_PDB_ins_code_1 
_ndb_struct_na_base_pair_step.i_auth_asym_id_2 
_ndb_struct_na_base_pair_step.i_auth_seq_id_2 
_ndb_struct_na_base_pair_step.i_PDB_ins_code_2 
_ndb_struct_na_base_pair_step.j_auth_asym_id_2 
_ndb_struct_na_base_pair_step.j_auth_seq_id_2 
_ndb_struct_na_base_pair_step.j_PDB_ins_code_2 
1 A DC 1 1_555 A DG 10 7_555 A DC 2  1_555 A DG 9 7_555 -1.159 2.847  6.702 1.244   -9.922  -27.294 -0.851 -1.707 7.311 20.186  
2.530   -29.035 1 AA_DC1DC2:DG9DG10_AA A 1 ? A 10 ? A 2  ? A 9 ? 
1 A DC 2 1_555 A DG 9  7_555 A DG 3  1_555 A DC 8 7_555 -0.009 1.618  2.815 0.007   5.567   19.427  2.247  0.029  3.149 16.075  
-0.020  20.202  2 AA_DC2DG3:DC8DG9_AA  A 2 ? A 9  ? A 3  ? A 8 ? 
1 A DG 3 1_555 A DC 8  7_555 A DG 4  1_555 A DC 7 7_555 -0.030 0.943  5.180 -2.511  49.860  13.700  -5.414 -0.293 2.326 75.533  
3.804   51.652  3 AA_DG3DG4:DC7DC8_AA  A 3 ? A 8  ? A 4  ? A 7 ? 
1 A DG 4 1_555 A DC 7  7_555 A DA 5  1_555 A DT 6 7_555 -1.087 0.328  3.314 -8.380  9.368   32.801  -0.959 0.459  3.444 15.882  
14.206  35.065  4 AA_DG4DA5:DT6DC7_AA  A 4 ? A 7  ? A 5  ? A 6 ? 
1 A DA 5 1_555 A DT 6  7_555 A DT 6  1_555 A DA 5 7_555 0.000  -0.781 3.211 0.000   8.581   28.978  -3.154 0.000  2.868 16.692  
0.000   30.196  5 AA_DA5DT6:DA5DT6_AA  A 5 ? A 6  ? A 6  ? A 5 ? 
1 A DT 6 1_555 A DA 5  7_555 A DC 7  1_555 A DG 4 7_555 1.087  0.328  3.314 8.380   9.368   32.801  -0.959 -0.459 3.444 15.882  
-14.206 35.065  6 AA_DT6DC7:DG4DA5_AA  A 6 ? A 5  ? A 7  ? A 4 ? 
1 A DC 7 1_555 A DG 4  7_555 A DC 8  1_555 A DG 3 7_555 0.030  0.943  5.180 2.511   49.860  13.700  -5.414 0.293  2.326 75.533  
-3.804  51.652  7 AA_DC7DC8:DG3DG4_AA  A 7 ? A 4  ? A 8  ? A 3 ? 
1 A DC 8 1_555 A DG 3  7_555 A DG 9  1_555 A DC 2 7_555 0.009  1.618  2.815 -0.007  5.567   19.427  2.247  -0.029 3.149 16.075  
0.020   20.202  8 AA_DC8DG9:DC2DG3_AA  A 8 ? A 3  ? A 9  ? A 2 ? 
1 A DG 9 1_555 A DC 2  7_555 A DG 10 1_555 A DC 1 7_555 4.466  5.813  0.796 165.201 -40.109 165.710 2.921  -2.174 1.158 -20.064 
-82.638 178.758 9 AA_DG9DG10:DC1DC2_AA A 9 ? A 2  ? A 10 ? A 1 ? 
# 
_pdbx_audit_support.funding_organization   'Biotechnology and Biological Sciences Research Council' 
_pdbx_audit_support.country                'United Kingdom' 
_pdbx_audit_support.grant_number           BB/K019279/1 
_pdbx_audit_support.ordinal                1 
# 
_atom_sites.entry_id                    4YMC 
_atom_sites.fract_transf_matrix[1][1]   -0.01454993 
_atom_sites.fract_transf_matrix[1][2]   -0.01443161 
_atom_sites.fract_transf_matrix[1][3]   -0.00504889 
_atom_sites.fract_transf_matrix[2][1]   0.00114225 
_atom_sites.fract_transf_matrix[2][2]   -0.00797626 
_atom_sites.fract_transf_matrix[2][3]   0.01950738 
_atom_sites.fract_transf_matrix[3][1]   -0.02135358 
_atom_sites.fract_transf_matrix[3][2]   0.01845174 
_atom_sites.fract_transf_matrix[3][3]   0.00879497 
_atom_sites.fract_transf_vector[1]      0.252773 
_atom_sites.fract_transf_vector[2]      0.204549 
_atom_sites.fract_transf_vector[3]      -0.072538 
# 
loop_
_atom_type.symbol 
BA 
C  
CL 
N  
O  
P  
RU 
# 
loop_
_atom_site.group_PDB 
_atom_site.id 
_atom_site.type_symbol 
_atom_site.label_atom_id 
_atom_site.label_alt_id 
_atom_site.label_comp_id 
_atom_site.label_asym_id 
_atom_site.label_entity_id 
_atom_site.label_seq_id 
_atom_site.pdbx_PDB_ins_code 
_atom_site.Cartn_x 
_atom_site.Cartn_y 
_atom_site.Cartn_z 
_atom_site.occupancy 
_atom_site.B_iso_or_equiv 
_atom_site.pdbx_formal_charge 
_atom_site.auth_seq_id 
_atom_site.auth_comp_id 
_atom_site.auth_asym_id 
_atom_site.auth_atom_id 
_atom_site.pdbx_PDB_model_num 
ATOM   1   O  "O5'" . DC  A 1 1  ? -18.006 -0.676 8.463   1.00 88.02 ? 1   DC  A "O5'" 1 
ATOM   2   C  "C5'" . DC  A 1 1  ? -18.051 -1.539 7.310   1.00 86.50 ? 1   DC  A "C5'" 1 
ATOM   3   C  "C4'" . DC  A 1 1  ? -17.853 -0.737 6.037   1.00 82.65 ? 1   DC  A "C4'" 1 
ATOM   4   O  "O4'" . DC  A 1 1  ? -18.519 0.521  5.811   1.00 83.02 ? 1   DC  A "O4'" 1 
ATOM   5   C  "C3'" . DC  A 1 1  ? -16.396 -0.469 5.702   1.00 76.90 ? 1   DC  A "C3'" 1 
ATOM   6   O  "O3'" . DC  A 1 1  ? -15.755 -1.646 5.234   1.00 70.35 ? 1   DC  A "O3'" 1 
ATOM   7   C  "C2'" . DC  A 1 1  ? -16.475 0.601  4.631   1.00 78.03 ? 1   DC  A "C2'" 1 
ATOM   8   C  "C1'" . DC  A 1 1  ? -17.909 1.113  4.675   1.00 74.24 ? 1   DC  A "C1'" 1 
ATOM   9   N  N1    . DC  A 1 1  ? -18.031 2.571  4.795   1.00 66.90 ? 1   DC  A N1    1 
ATOM   10  C  C2    . DC  A 1 1  ? -18.315 3.325  3.652   1.00 58.39 ? 1   DC  A C2    1 
ATOM   11  O  O2    . DC  A 1 1  ? -18.447 2.744  2.570   1.00 62.97 ? 1   DC  A O2    1 
ATOM   12  N  N3    . DC  A 1 1  ? -18.438 4.666  3.754   1.00 64.83 ? 1   DC  A N3    1 
ATOM   13  C  C4    . DC  A 1 1  ? -18.298 5.258  4.942   1.00 73.29 ? 1   DC  A C4    1 
ATOM   14  N  N4    . DC  A 1 1  ? -18.432 6.586  4.998   1.00 71.89 ? 1   DC  A N4    1 
ATOM   15  C  C5    . DC  A 1 1  ? -18.020 4.515  6.127   1.00 74.59 ? 1   DC  A C5    1 
ATOM   16  C  C6    . DC  A 1 1  ? -17.886 3.187  6.007   1.00 71.51 ? 1   DC  A C6    1 
ATOM   17  P  P     . DC  A 1 2  ? -14.491 -2.189 6.057   1.00 90.02 ? 2   DC  A P     1 
ATOM   18  O  OP1   . DC  A 1 2  ? -14.921 -3.406 6.816   1.00 94.42 ? 2   DC  A OP1   1 
ATOM   19  O  OP2   . DC  A 1 2  ? -13.841 -1.038 6.763   1.00 84.75 ? 2   DC  A OP2   1 
ATOM   20  O  "O5'" . DC  A 1 2  ? -13.456 -2.543 4.907   1.00 67.10 ? 2   DC  A "O5'" 1 
ATOM   21  C  "C5'" . DC  A 1 2  ? -13.351 -1.635 3.845   1.00 57.85 ? 2   DC  A "C5'" 1 
ATOM   22  C  "C4'" . DC  A 1 2  ? -12.952 -2.382 2.608   1.00 48.67 ? 2   DC  A "C4'" 1 
ATOM   23  O  "O4'" . DC  A 1 2  ? -13.364 -1.556 1.509   1.00 51.01 ? 2   DC  A "O4'" 1 
ATOM   24  C  "C3'" . DC  A 1 2  ? -11.446 -2.574 2.481   1.00 48.37 ? 2   DC  A "C3'" 1 
ATOM   25  O  "O3'" . DC  A 1 2  ? -11.083 -3.950 2.421   1.00 44.75 ? 2   DC  A "O3'" 1 
ATOM   26  C  "C2'" . DC  A 1 2  ? -11.084 -1.931 1.161   1.00 46.20 ? 2   DC  A "C2'" 1 
ATOM   27  C  "C1'" . DC  A 1 2  ? -12.248 -1.030 0.827   1.00 44.51 ? 2   DC  A "C1'" 1 
ATOM   28  N  N1    . DC  A 1 2  ? -12.107 0.390  1.190   1.00 39.11 ? 2   DC  A N1    1 
ATOM   29  C  C2    . DC  A 1 2  ? -12.485 1.365  0.263   1.00 36.88 ? 2   DC  A C2    1 
ATOM   30  O  O2    . DC  A 1 2  ? -12.951 1.011  -0.825  1.00 36.61 ? 2   DC  A O2    1 
ATOM   31  N  N3    . DC  A 1 2  ? -12.363 2.660  0.586   1.00 41.02 ? 2   DC  A N3    1 
ATOM   32  C  C4    . DC  A 1 2  ? -11.835 3.005  1.762   1.00 39.80 ? 2   DC  A C4    1 
ATOM   33  N  N4    . DC  A 1 2  ? -11.721 4.297  2.035   1.00 41.76 ? 2   DC  A N4    1 
ATOM   34  C  C5    . DC  A 1 2  ? -11.431 2.037  2.720   1.00 39.85 ? 2   DC  A C5    1 
ATOM   35  C  C6    . DC  A 1 2  ? -11.567 0.753  2.390   1.00 42.46 ? 2   DC  A C6    1 
ATOM   36  P  P     . DG  A 1 3  ? -9.558  -4.364 2.461   1.00 48.11 ? 3   DG  A P     1 
ATOM   37  O  OP1   . DG  A 1 3  ? -9.497  -5.816 2.700   1.00 51.05 ? 3   DG  A OP1   1 
ATOM   38  O  OP2   . DG  A 1 3  ? -8.843  -3.432 3.341   1.00 44.67 ? 3   DG  A OP2   1 
ATOM   39  O  "O5'" . DG  A 1 3  ? -9.093  -4.259 0.951   1.00 44.26 ? 3   DG  A "O5'" 1 
ATOM   40  C  "C5'" . DG  A 1 3  ? -9.606  -5.128 -0.050  1.00 44.38 ? 3   DG  A "C5'" 1 
ATOM   41  C  "C4'" . DG  A 1 3  ? -9.268  -4.616 -1.432  1.00 47.29 ? 3   DG  A "C4'" 1 
ATOM   42  O  "O4'" . DG  A 1 3  ? -9.906  -3.343 -1.689  1.00 47.28 ? 3   DG  A "O4'" 1 
ATOM   43  C  "C3'" . DG  A 1 3  ? -7.781  -4.400 -1.686  1.00 46.60 ? 3   DG  A "C3'" 1 
ATOM   44  O  "O3'" . DG  A 1 3  ? -7.270  -5.623 -2.220  1.00 47.69 ? 3   DG  A "O3'" 1 
ATOM   45  C  "C2'" . DG  A 1 3  ? -7.766  -3.258 -2.687  1.00 45.91 ? 3   DG  A "C2'" 1 
ATOM   46  C  "C1'" . DG  A 1 3  ? -9.034  -2.463 -2.378  1.00 43.84 ? 3   DG  A "C1'" 1 
ATOM   47  N  N9    . DG  A 1 3  ? -8.828  -1.298 -1.523  1.00 37.63 ? 3   DG  A N9    1 
ATOM   48  C  C8    . DG  A 1 3  ? -8.144  -1.276 -0.334  1.00 38.20 ? 3   DG  A C8    1 
ATOM   49  N  N7    . DG  A 1 3  ? -8.145  -0.106 0.237   1.00 33.97 ? 3   DG  A N7    1 
ATOM   50  C  C5    . DG  A 1 3  ? -8.843  0.705  -0.643  1.00 33.49 ? 3   DG  A C5    1 
ATOM   51  C  C6    . DG  A 1 3  ? -9.165  2.078  -0.557  1.00 31.84 ? 3   DG  A C6    1 
ATOM   52  O  O6    . DG  A 1 3  ? -8.889  2.879  0.345   1.00 35.05 ? 3   DG  A O6    1 
ATOM   53  N  N1    . DG  A 1 3  ? -9.938  2.487  -1.640  1.00 29.64 ? 3   DG  A N1    1 
ATOM   54  C  C2    . DG  A 1 3  ? -10.292 1.683  -2.698  1.00 32.38 ? 3   DG  A C2    1 
ATOM   55  N  N2    . DG  A 1 3  ? -11.011 2.252  -3.662  1.00 33.01 ? 3   DG  A N2    1 
ATOM   56  N  N3    . DG  A 1 3  ? -10.008 0.399  -2.778  1.00 38.22 ? 3   DG  A N3    1 
ATOM   57  C  C4    . DG  A 1 3  ? -9.274  -0.017 -1.734  1.00 36.14 ? 3   DG  A C4    1 
ATOM   58  P  P     . DG  A 1 4  ? -5.849  -6.192 -1.769  1.00 46.84 ? 4   DG  A P     1 
ATOM   59  O  OP1   . DG  A 1 4  ? -5.698  -7.512 -2.425  1.00 49.78 ? 4   DG  A OP1   1 
ATOM   60  O  OP2   . DG  A 1 4  ? -5.747  -6.075 -0.312  1.00 51.84 ? 4   DG  A OP2   1 
ATOM   61  O  "O5'" . DG  A 1 4  ? -4.824  -5.195 -2.473  1.00 50.80 ? 4   DG  A "O5'" 1 
ATOM   62  C  "C5'" . DG  A 1 4  ? -4.740  -5.137 -3.904  1.00 49.78 ? 4   DG  A "C5'" 1 
ATOM   63  C  "C4'" . DG  A 1 4  ? -3.735  -4.090 -4.313  1.00 45.39 ? 4   DG  A "C4'" 1 
ATOM   64  O  "O4'" . DG  A 1 4  ? -4.158  -2.824 -3.773  1.00 45.47 ? 4   DG  A "O4'" 1 
ATOM   65  C  "C3'" . DG  A 1 4  ? -2.341  -4.319 -3.751  1.00 47.50 ? 4   DG  A "C3'" 1 
ATOM   66  O  "O3'" . DG  A 1 4  ? -1.410  -3.776 -4.687  1.00 54.97 ? 4   DG  A "O3'" 1 
ATOM   67  C  "C2'" . DG  A 1 4  ? -2.360  -3.497 -2.483  1.00 44.06 ? 4   DG  A "C2'" 1 
ATOM   68  C  "C1'" . DG  A 1 4  ? -3.143  -2.300 -2.958  1.00 41.45 ? 4   DG  A "C1'" 1 
ATOM   69  N  N9    . DG  A 1 4  ? -3.769  -1.498 -1.919  1.00 39.86 ? 4   DG  A N9    1 
ATOM   70  C  C8    . DG  A 1 4  ? -4.368  -1.937 -0.767  1.00 40.92 ? 4   DG  A C8    1 
ATOM   71  N  N7    . DG  A 1 4  ? -4.831  -0.966 -0.028  1.00 42.56 ? 4   DG  A N7    1 
ATOM   72  C  C5    . DG  A 1 4  ? -4.520  0.181  -0.738  1.00 37.67 ? 4   DG  A C5    1 
ATOM   73  C  C6    . DG  A 1 4  ? -4.798  1.543  -0.453  1.00 38.68 ? 4   DG  A C6    1 
ATOM   74  O  O6    . DG  A 1 4  ? -5.358  2.026  0.534   1.00 45.57 ? 4   DG  A O6    1 
ATOM   75  N  N1    . DG  A 1 4  ? -4.299  2.381  -1.437  1.00 40.92 ? 4   DG  A N1    1 
ATOM   76  C  C2    . DG  A 1 4  ? -3.637  1.965  -2.560  1.00 35.25 ? 4   DG  A C2    1 
ATOM   77  N  N2    . DG  A 1 4  ? -3.254  2.930  -3.407  1.00 35.08 ? 4   DG  A N2    1 
ATOM   78  N  N3    . DG  A 1 4  ? -3.407  0.700  -2.858  1.00 39.55 ? 4   DG  A N3    1 
ATOM   79  C  C4    . DG  A 1 4  ? -3.852  -0.129 -1.900  1.00 38.70 ? 4   DG  A C4    1 
ATOM   80  P  P     . DA  A 1 5  ? 0.089   -4.326 -4.763  1.00 60.44 ? 5   DA  A P     1 
ATOM   81  O  OP1   . DA  A 1 5  ? 0.139   -5.331 -5.876  1.00 56.12 ? 5   DA  A OP1   1 
ATOM   82  O  OP2   . DA  A 1 5  ? 0.535   -4.663 -3.381  1.00 54.49 ? 5   DA  A OP2   1 
ATOM   83  O  "O5'" . DA  A 1 5  ? 0.925   -3.013 -5.059  1.00 58.14 ? 5   DA  A "O5'" 1 
ATOM   84  C  "C5'" . DA  A 1 5  ? 0.858   -2.378 -6.326  1.00 59.48 ? 5   DA  A "C5'" 1 
ATOM   85  C  "C4'" . DA  A 1 5  ? 1.455   -1.007 -6.163  1.00 56.13 ? 5   DA  A "C4'" 1 
ATOM   86  O  "O4'" . DA  A 1 5  ? 0.595   -0.266 -5.279  1.00 50.84 ? 5   DA  A "O4'" 1 
ATOM   87  C  "C3'" . DA  A 1 5  ? 2.832   -1.023 -5.503  1.00 57.50 ? 5   DA  A "C3'" 1 
ATOM   88  O  "O3'" . DA  A 1 5  ? 3.786   -0.243 -6.201  1.00 64.23 ? 5   DA  A "O3'" 1 
ATOM   89  C  "C2'" . DA  A 1 5  ? 2.632   -0.331 -4.174  1.00 52.30 ? 5   DA  A "C2'" 1 
ATOM   90  C  "C1'" . DA  A 1 5  ? 1.371   0.467  -4.377  1.00 48.22 ? 5   DA  A "C1'" 1 
ATOM   91  N  N9    . DA  A 1 5  ? 0.636   0.506  -3.138  1.00 46.82 ? 5   DA  A N9    1 
ATOM   92  C  C8    . DA  A 1 5  ? 0.212   -0.587 -2.434  1.00 39.18 ? 5   DA  A C8    1 
ATOM   93  N  N7    . DA  A 1 5  ? -0.407  -0.289 -1.324  1.00 37.18 ? 5   DA  A N7    1 
ATOM   94  C  C5    . DA  A 1 5  ? -0.399  1.095  -1.301  1.00 38.84 ? 5   DA  A C5    1 
ATOM   95  C  C6    . DA  A 1 5  ? -0.884  2.023  -0.374  1.00 38.52 ? 5   DA  A C6    1 
ATOM   96  N  N6    . DA  A 1 5  ? -1.547  1.687  0.730   1.00 42.59 ? 5   DA  A N6    1 
ATOM   97  N  N1    . DA  A 1 5  ? -0.707  3.330  -0.646  1.00 39.67 ? 5   DA  A N1    1 
ATOM   98  C  C2    . DA  A 1 5  ? -0.054  3.669  -1.763  1.00 40.39 ? 5   DA  A C2    1 
ATOM   99  N  N3    . DA  A 1 5  ? 0.468   2.889  -2.696  1.00 42.39 ? 5   DA  A N3    1 
ATOM   100 C  C4    . DA  A 1 5  ? 0.278   1.596  -2.391  1.00 36.40 ? 5   DA  A C4    1 
ATOM   101 P  P     . DT  A 1 6  ? 5.322   -0.459 -5.873  1.00 68.75 ? 6   DT  A P     1 
ATOM   102 O  OP1   . DT  A 1 6  ? 6.072   -0.268 -7.138  1.00 82.07 ? 6   DT  A OP1   1 
ATOM   103 O  OP2   . DT  A 1 6  ? 5.458   -1.729 -5.088  1.00 60.54 ? 6   DT  A OP2   1 
ATOM   104 O  "O5'" . DT  A 1 6  ? 5.691   0.809  -4.991  1.00 55.98 ? 6   DT  A "O5'" 1 
ATOM   105 C  "C5'" . DT  A 1 6  ? 5.164   2.101  -5.294  1.00 55.05 ? 6   DT  A "C5'" 1 
ATOM   106 C  "C4'" . DT  A 1 6  ? 5.446   3.027  -4.136  1.00 55.10 ? 6   DT  A "C4'" 1 
ATOM   107 O  "O4'" . DT  A 1 6  ? 4.317   3.056  -3.247  1.00 53.91 ? 6   DT  A "O4'" 1 
ATOM   108 C  "C3'" . DT  A 1 6  ? 6.643   2.625  -3.277  1.00 59.33 ? 6   DT  A "C3'" 1 
ATOM   109 O  "O3'" . DT  A 1 6  ? 7.723   3.485  -3.642  1.00 68.61 ? 6   DT  A "O3'" 1 
ATOM   110 C  "C2'" . DT  A 1 6  ? 6.205   2.915  -1.853  1.00 57.92 ? 6   DT  A "C2'" 1 
ATOM   111 C  "C1'" . DT  A 1 6  ? 4.762   3.367  -1.953  1.00 53.59 ? 6   DT  A "C1'" 1 
ATOM   112 N  N1    . DT  A 1 6  ? 3.905   2.663  -1.021  1.00 51.81 ? 6   DT  A N1    1 
ATOM   113 C  C2    . DT  A 1 6  ? 3.238   3.404  -0.085  1.00 48.38 ? 6   DT  A C2    1 
ATOM   114 O  O2    . DT  A 1 6  ? 3.316   4.616  -0.026  1.00 51.97 ? 6   DT  A O2    1 
ATOM   115 N  N3    . DT  A 1 6  ? 2.451   2.674  0.770   1.00 49.90 ? 6   DT  A N3    1 
ATOM   116 C  C4    . DT  A 1 6  ? 2.290   1.306  0.787   1.00 47.08 ? 6   DT  A C4    1 
ATOM   117 O  O4    . DT  A 1 6  ? 1.553   0.789  1.620   1.00 51.26 ? 6   DT  A O4    1 
ATOM   118 C  C5    . DT  A 1 6  ? 3.045   0.584  -0.214  1.00 47.80 ? 6   DT  A C5    1 
ATOM   119 C  C7    . DT  A 1 6  ? 2.937   -0.906 -0.276  1.00 50.80 ? 6   DT  A C7    1 
ATOM   120 C  C6    . DT  A 1 6  ? 3.796   1.292  -1.062  1.00 50.94 ? 6   DT  A C6    1 
ATOM   121 P  P     . DC  A 1 7  ? 9.229   3.133  -3.289  1.00 65.37 ? 7   DC  A P     1 
ATOM   122 O  OP1   . DC  A 1 7  ? 10.072  4.163  -3.948  1.00 73.04 ? 7   DC  A OP1   1 
ATOM   123 O  OP2   . DC  A 1 7  ? 9.471   1.671  -3.534  1.00 51.06 ? 7   DC  A OP2   1 
ATOM   124 O  "O5'" . DC  A 1 7  ? 9.305   3.470  -1.739  1.00 58.06 ? 7   DC  A "O5'" 1 
ATOM   125 C  "C5'" . DC  A 1 7  ? 9.294   4.831  -1.299  1.00 50.42 ? 7   DC  A "C5'" 1 
ATOM   126 C  "C4'" . DC  A 1 7  ? 9.302   4.847  0.206   1.00 49.73 ? 7   DC  A "C4'" 1 
ATOM   127 O  "O4'" . DC  A 1 7  ? 7.976   4.559  0.685   1.00 49.78 ? 7   DC  A "O4'" 1 
ATOM   128 C  "C3'" . DC  A 1 7  ? 10.189  3.798  0.858   1.00 44.71 ? 7   DC  A "C3'" 1 
ATOM   129 O  "O3'" . DC  A 1 7  ? 11.518  4.331  0.967   1.00 44.32 ? 7   DC  A "O3'" 1 
ATOM   130 C  "C2'" . DC  A 1 7  ? 9.525   3.629  2.212   1.00 47.34 ? 7   DC  A "C2'" 1 
ATOM   131 C  "C1'" . DC  A 1 7  ? 8.065   4.039  1.992   1.00 48.33 ? 7   DC  A "C1'" 1 
ATOM   132 N  N1    . DC  A 1 7  ? 7.118   2.919  2.109   1.00 49.37 ? 7   DC  A N1    1 
ATOM   133 C  C2    . DC  A 1 7  ? 6.009   3.053  2.950   1.00 47.83 ? 7   DC  A C2    1 
ATOM   134 O  O2    . DC  A 1 7  ? 5.802   4.140  3.505   1.00 45.63 ? 7   DC  A O2    1 
ATOM   135 N  N3    . DC  A 1 7  ? 5.179   1.999  3.121   1.00 47.14 ? 7   DC  A N3    1 
ATOM   136 C  C4    . DC  A 1 7  ? 5.415   0.854  2.480   1.00 41.68 ? 7   DC  A C4    1 
ATOM   137 N  N4    . DC  A 1 7  ? 4.565   -0.149 2.668   1.00 45.81 ? 7   DC  A N4    1 
ATOM   138 C  C5    . DC  A 1 7  ? 6.545   0.684  1.634   1.00 45.64 ? 7   DC  A C5    1 
ATOM   139 C  C6    . DC  A 1 7  ? 7.366   1.730  1.482   1.00 47.67 ? 7   DC  A C6    1 
ATOM   140 P  P     . DC  A 1 8  ? 12.808  3.394  0.976   1.00 47.39 ? 8   DC  A P     1 
ATOM   141 O  OP1   . DC  A 1 8  ? 14.009  4.231  0.787   1.00 49.84 ? 8   DC  A OP1   1 
ATOM   142 O  OP2   . DC  A 1 8  ? 12.585  2.208  0.126   1.00 46.86 ? 8   DC  A OP2   1 
ATOM   143 O  "O5'" . DC  A 1 8  ? 12.883  2.876  2.460   1.00 46.27 ? 8   DC  A "O5'" 1 
ATOM   144 C  "C5'" . DC  A 1 8  ? 13.065  3.785  3.526   1.00 45.68 ? 8   DC  A "C5'" 1 
ATOM   145 C  "C4'" . DC  A 1 8  ? 13.040  2.989  4.804   1.00 40.82 ? 8   DC  A "C4'" 1 
ATOM   146 O  "O4'" . DC  A 1 8  ? 11.700  2.536  5.073   1.00 39.40 ? 8   DC  A "O4'" 1 
ATOM   147 C  "C3'" . DC  A 1 8  ? 13.876  1.724  4.785   1.00 40.77 ? 8   DC  A "C3'" 1 
ATOM   148 O  "O3'" . DC  A 1 8  ? 15.187  2.036  5.245   1.00 41.91 ? 8   DC  A "O3'" 1 
ATOM   149 C  "C2'" . DC  A 1 8  ? 13.175  0.839  5.792   1.00 38.89 ? 8   DC  A "C2'" 1 
ATOM   150 C  "C1'" . DC  A 1 8  ? 11.743  1.362  5.855   1.00 36.35 ? 8   DC  A "C1'" 1 
ATOM   151 N  N1    . DC  A 1 8  ? 10.705  0.478  5.343   1.00 37.42 ? 8   DC  A N1    1 
ATOM   152 C  C2    . DC  A 1 8  ? 9.677   0.071  6.195   1.00 33.41 ? 8   DC  A C2    1 
ATOM   153 O  O2    . DC  A 1 8  ? 9.705   0.422  7.382   1.00 42.20 ? 8   DC  A O2    1 
ATOM   154 N  N3    . DC  A 1 8  ? 8.690   -0.710 5.713   1.00 34.01 ? 8   DC  A N3    1 
ATOM   155 C  C4    . DC  A 1 8  ? 8.668   -1.023 4.417   1.00 36.04 ? 8   DC  A C4    1 
ATOM   156 N  N4    . DC  A 1 8  ? 7.657   -1.765 3.977   1.00 37.50 ? 8   DC  A N4    1 
ATOM   157 C  C5    . DC  A 1 8  ? 9.693   -0.604 3.521   1.00 34.54 ? 8   DC  A C5    1 
ATOM   158 C  C6    . DC  A 1 8  ? 10.666  0.161  4.014   1.00 35.42 ? 8   DC  A C6    1 
ATOM   159 P  P     . DG  A 1 9  ? 16.344  0.997  5.081   1.00 42.69 ? 9   DG  A P     1 
ATOM   160 O  OP1   . DG  A 1 9  ? 17.623  1.727  5.265   1.00 42.81 ? 9   DG  A OP1   1 
ATOM   161 O  OP2   . DG  A 1 9  ? 16.106  0.142  3.884   1.00 45.93 ? 9   DG  A OP2   1 
ATOM   162 O  "O5'" . DG  A 1 9  ? 16.186  0.062  6.345   1.00 42.41 ? 9   DG  A "O5'" 1 
ATOM   163 C  "C5'" . DG  A 1 9  ? 16.469  0.549  7.654   1.00 41.60 ? 9   DG  A "C5'" 1 
ATOM   164 C  "C4'" . DG  A 1 9  ? 16.069  -0.505 8.651   1.00 42.73 ? 9   DG  A "C4'" 1 
ATOM   165 O  "O4'" . DG  A 1 9  ? 14.701  -0.855 8.373   1.00 42.94 ? 9   DG  A "O4'" 1 
ATOM   166 C  "C3'" . DG  A 1 9  ? 16.880  -1.784 8.494   1.00 49.14 ? 9   DG  A "C3'" 1 
ATOM   167 O  "O3'" . DG  A 1 9  ? 17.336  -2.402 9.682   1.00 57.69 ? 9   DG  A "O3'" 1 
ATOM   168 C  "C2'" . DG  A 1 9  ? 15.923  -2.779 7.902   1.00 46.83 ? 9   DG  A "C2'" 1 
ATOM   169 C  "C1'" . DG  A 1 9  ? 14.575  -2.242 8.292   1.00 42.96 ? 9   DG  A "C1'" 1 
ATOM   170 N  N9    . DG  A 1 9  ? 13.599  -2.545 7.267   1.00 39.21 ? 9   DG  A N9    1 
ATOM   171 C  C8    . DG  A 1 9  ? 13.829  -2.671 5.921   1.00 38.90 ? 9   DG  A C8    1 
ATOM   172 N  N7    . DG  A 1 9  ? 12.768  -3.029 5.257   1.00 35.87 ? 9   DG  A N7    1 
ATOM   173 C  C5    . DG  A 1 9  ? 11.783  -3.152 6.224   1.00 36.09 ? 9   DG  A C5    1 
ATOM   174 C  C6    . DG  A 1 9  ? 10.426  -3.536 6.110   1.00 35.16 ? 9   DG  A C6    1 
ATOM   175 O  O6    . DG  A 1 9  ? 9.798   -3.852 5.094   1.00 43.30 ? 9   DG  A O6    1 
ATOM   176 N  N1    . DG  A 1 9  ? 9.797   -3.566 7.344   1.00 38.34 ? 9   DG  A N1    1 
ATOM   177 C  C2    . DG  A 1 9  ? 10.384  -3.229 8.536   1.00 39.01 ? 9   DG  A C2    1 
ATOM   178 N  N2    . DG  A 1 9  ? 9.613   -3.320 9.621   1.00 43.32 ? 9   DG  A N2    1 
ATOM   179 N  N3    . DG  A 1 9  ? 11.650  -2.889 8.660   1.00 38.64 ? 9   DG  A N3    1 
ATOM   180 C  C4    . DG  A 1 9  ? 12.288  -2.878 7.472   1.00 37.04 ? 9   DG  A C4    1 
ATOM   181 P  P     . DG  A 1 10 ? 18.739  -3.184 9.620   1.00 67.93 ? 10  DG  A P     1 
ATOM   182 O  OP1   . DG  A 1 10 ? 19.708  -2.360 10.428  1.00 76.72 ? 10  DG  A OP1   1 
ATOM   183 O  OP2   . DG  A 1 10 ? 19.068  -3.506 8.171   1.00 67.47 ? 10  DG  A OP2   1 
ATOM   184 O  "O5'" . DG  A 1 10 ? 18.401  -4.539 10.400  1.00 74.11 ? 10  DG  A "O5'" 1 
ATOM   185 C  "C5'" . DG  A 1 10 ? 17.578  -5.570 9.819   1.00 57.27 ? 10  DG  A "C5'" 1 
ATOM   186 C  "C4'" . DG  A 1 10 ? 17.194  -6.569 10.882  1.00 54.89 ? 10  DG  A "C4'" 1 
ATOM   187 O  "O4'" . DG  A 1 10 ? 15.763  -6.736 10.898  1.00 59.93 ? 10  DG  A "O4'" 1 
ATOM   188 C  "C3'" . DG  A 1 10 ? 17.747  -7.967 10.681  1.00 54.60 ? 10  DG  A "C3'" 1 
ATOM   189 O  "O3'" . DG  A 1 10 ? 19.083  -8.000 11.178  1.00 52.85 ? 10  DG  A "O3'" 1 
ATOM   190 C  "C2'" . DG  A 1 10 ? 16.740  -8.828 11.428  1.00 55.74 ? 10  DG  A "C2'" 1 
ATOM   191 C  "C1'" . DG  A 1 10 ? 15.417  -8.073 11.270  1.00 54.71 ? 10  DG  A "C1'" 1 
ATOM   192 N  N9    . DG  A 1 10 ? 14.537  -8.606 10.230  1.00 46.63 ? 10  DG  A N9    1 
ATOM   193 C  C8    . DG  A 1 10 ? 13.233  -9.028 10.346  1.00 43.37 ? 10  DG  A C8    1 
ATOM   194 N  N7    . DG  A 1 10 ? 12.721  -9.419 9.211   1.00 40.87 ? 10  DG  A N7    1 
ATOM   195 C  C5    . DG  A 1 10 ? 13.747  -9.250 8.295   1.00 42.59 ? 10  DG  A C5    1 
ATOM   196 C  C6    . DG  A 1 10 ? 13.788  -9.509 6.907   1.00 42.24 ? 10  DG  A C6    1 
ATOM   197 O  O6    . DG  A 1 10 ? 12.903  -9.980 6.184   1.00 55.96 ? 10  DG  A O6    1 
ATOM   198 N  N1    . DG  A 1 10 ? 15.027  -9.178 6.361   1.00 41.25 ? 10  DG  A N1    1 
ATOM   199 C  C2    . DG  A 1 10 ? 16.085  -8.651 7.066   1.00 43.02 ? 10  DG  A C2    1 
ATOM   200 N  N2    . DG  A 1 10 ? 17.203  -8.395 6.371   1.00 47.14 ? 10  DG  A N2    1 
ATOM   201 N  N3    . DG  A 1 10 ? 16.061  -8.416 8.360   1.00 43.16 ? 10  DG  A N3    1 
ATOM   202 C  C4    . DG  A 1 10 ? 14.871  -8.736 8.908   1.00 45.35 ? 10  DG  A C4    1 
HETATM 203 BA BA    . BA  B 2 .  ? -6.146  0.199  2.523   1.00 46.54 ? 101 BA  A BA    1 
HETATM 204 RU RU    . RKL C 3 .  ? -5.519  2.899  -8.088  1.00 40.34 ? 102 RKL A RU    1 
HETATM 205 C  C1    . RKL C 3 .  ? -7.689  3.535  -9.628  1.00 39.01 ? 102 RKL A C1    1 
HETATM 206 N  N1    . RKL C 3 .  ? -5.457  4.347  -9.464  1.00 37.21 ? 102 RKL A N1    1 
HETATM 207 C  C2    . RKL C 3 .  ? -8.277  1.652  -8.431  1.00 47.05 ? 102 RKL A C2    1 
HETATM 208 N  N2    . RKL C 3 .  ? -7.407  2.589  -8.736  1.00 38.91 ? 102 RKL A N2    1 
HETATM 209 C  C3    . RKL C 3 .  ? -9.550  1.712  -8.974  1.00 42.71 ? 102 RKL A C3    1 
HETATM 210 N  N3    . RKL C 3 .  ? -10.526 4.716  -11.546 1.00 38.74 ? 102 RKL A N3    1 
HETATM 211 C  C4    . RKL C 3 .  ? -9.912  2.694  -9.855  1.00 37.00 ? 102 RKL A C4    1 
HETATM 212 N  N4    . RKL C 3 .  ? -8.647  6.558  -12.219 1.00 38.14 ? 102 RKL A N4    1 
HETATM 213 C  C5    . RKL C 3 .  ? -8.967  3.628  -10.184 1.00 34.23 ? 102 RKL A C5    1 
HETATM 214 N  N5    . RKL C 3 .  ? -4.666  1.612  -9.471  1.00 38.99 ? 102 RKL A N5    1 
HETATM 215 C  C6    . RKL C 3 .  ? -9.289  4.639  -11.045 1.00 38.62 ? 102 RKL A C6    1 
HETATM 216 N  N6    . RKL C 3 .  ? -2.878  -0.084 -10.806 1.00 40.46 ? 102 RKL A N6    1 
HETATM 217 C  C7    . RKL C 3 .  ? -8.321  5.587  -11.373 1.00 38.40 ? 102 RKL A C7    1 
HETATM 218 N  N7    . RKL C 3 .  ? -0.951  3.346  -7.007  1.00 40.72 ? 102 RKL A N7    1 
HETATM 219 C  C8    . RKL C 3 .  ? -7.043  5.488  -10.851 1.00 39.14 ? 102 RKL A C8    1 
HETATM 220 N  N8    . RKL C 3 .  ? -3.594  3.203  -7.487  1.00 38.23 ? 102 RKL A N8    1 
HETATM 221 C  C9    . RKL C 3 .  ? -6.083  6.424  -11.169 1.00 38.47 ? 102 RKL A C9    1 
HETATM 222 N  N9    . RKL C 3 .  ? -6.296  4.102  -6.705  1.00 37.28 ? 102 RKL A N9    1 
HETATM 223 C  C10   . RKL C 3 .  ? -6.712  4.486  -9.954  1.00 37.86 ? 102 RKL A C10   1 
HETATM 224 N  N10   . RKL C 3 .  ? -7.122  5.335  -4.460  1.00 40.01 ? 102 RKL A N10   1 
HETATM 225 C  C11   . RKL C 3 .  ? -4.829  6.300  -10.600 1.00 38.21 ? 102 RKL A C11   1 
HETATM 226 N  N11   . RKL C 3 .  ? -6.142  0.033  -4.293  1.00 38.85 ? 102 RKL A N11   1 
HETATM 227 C  C12   . RKL C 3 .  ? -4.529  5.264  -9.706  1.00 38.38 ? 102 RKL A C12   1 
HETATM 228 N  N12   . RKL C 3 .  ? -5.660  1.438  -6.668  1.00 39.86 ? 102 RKL A N12   1 
HETATM 229 C  C13   . RKL C 3 .  ? -9.883  6.636  -12.707 1.00 37.84 ? 102 RKL A C13   1 
HETATM 230 C  C14   . RKL C 3 .  ? -10.222 7.660  -13.576 1.00 39.05 ? 102 RKL A C14   1 
HETATM 231 C  C15   . RKL C 3 .  ? -10.834 5.709  -12.391 1.00 39.10 ? 102 RKL A C15   1 
HETATM 232 C  C16   . RKL C 3 .  ? -12.106 5.804  -12.894 1.00 38.92 ? 102 RKL A C16   1 
HETATM 233 C  C17   . RKL C 3 .  ? -12.453 6.802  -13.774 1.00 40.29 ? 102 RKL A C17   1 
HETATM 234 C  C18   . RKL C 3 .  ? -11.504 7.740  -14.109 1.00 38.83 ? 102 RKL A C18   1 
HETATM 235 C  C19   . RKL C 3 .  ? -3.316  1.574  -9.182  1.00 38.89 ? 102 RKL A C19   1 
HETATM 236 C  C20   . RKL C 3 .  ? -5.108  0.719  -10.359 1.00 36.72 ? 102 RKL A C20   1 
HETATM 237 C  C21   . RKL C 3 .  ? -4.214  -0.097 -11.050 1.00 38.06 ? 102 RKL A C21   1 
HETATM 238 C  C22   . RKL C 3 .  ? -2.405  0.787  -9.880  1.00 42.24 ? 102 RKL A C22   1 
HETATM 239 C  C23   . RKL C 3 .  ? -1.020  0.838  -9.599  1.00 38.59 ? 102 RKL A C23   1 
HETATM 240 C  C24   . RKL C 3 .  ? -0.532  1.701  -8.646  1.00 41.29 ? 102 RKL A C24   1 
HETATM 241 C  C25   . RKL C 3 .  ? -1.407  2.516  -7.960  1.00 39.11 ? 102 RKL A C25   1 
HETATM 242 C  C26   . RKL C 3 .  ? -2.786  2.445  -8.207  1.00 38.05 ? 102 RKL A C26   1 
HETATM 243 C  C27   . RKL C 3 .  ? -1.773  4.133  -6.345  1.00 37.61 ? 102 RKL A C27   1 
HETATM 244 C  C28   . RKL C 3 .  ? -3.131  4.100  -6.620  1.00 39.75 ? 102 RKL A C28   1 
HETATM 245 C  C29   . RKL C 3 .  ? -6.389  3.411  -5.582  1.00 36.88 ? 102 RKL A C29   1 
HETATM 246 C  C30   . RKL C 3 .  ? -6.469  5.422  -6.647  1.00 37.98 ? 102 RKL A C30   1 
HETATM 247 C  C31   . RKL C 3 .  ? -6.919  5.988  -5.520  1.00 36.75 ? 102 RKL A C31   1 
HETATM 248 C  C32   . RKL C 3 .  ? -6.868  4.023  -4.443  1.00 36.07 ? 102 RKL A C32   1 
HETATM 249 C  C33   . RKL C 3 .  ? -7.069  3.326  -3.299  1.00 39.68 ? 102 RKL A C33   1 
HETATM 250 C  C34   . RKL C 3 .  ? -6.826  1.967  -3.242  1.00 36.15 ? 102 RKL A C34   1 
HETATM 251 C  C35   . RKL C 3 .  ? -6.374  1.347  -4.366  1.00 40.13 ? 102 RKL A C35   1 
HETATM 252 C  C36   . RKL C 3 .  ? -6.146  2.039  -5.562  1.00 39.89 ? 102 RKL A C36   1 
HETATM 253 C  C37   . RKL C 3 .  ? -5.688  -0.538 -5.408  1.00 41.37 ? 102 RKL A C37   1 
HETATM 254 C  C38   . RKL C 3 .  ? -5.460  0.134  -6.610  1.00 41.16 ? 102 RKL A C38   1 
HETATM 255 CL CL    . CL  D 4 .  ? -2.174  0.467  -5.519  1.00 61.90 ? 103 CL  A CL    1 
HETATM 256 O  O     . HOH E 5 .  ? -4.775  -4.609 1.464   1.00 45.18 ? 201 HOH A O     1 
HETATM 257 O  O     . HOH E 5 .  ? -8.702  -0.839 3.688   1.00 44.27 ? 202 HOH A O     1 
HETATM 258 O  O     . HOH E 5 .  ? 3.431   1.093  -8.547  1.00 54.45 ? 203 HOH A O     1 
HETATM 259 O  O     . HOH E 5 .  ? -7.602  2.553  2.726   1.00 35.12 ? 204 HOH A O     1 
HETATM 260 O  O     . HOH E 5 .  ? 0.895   -1.792 2.581   1.00 49.87 ? 205 HOH A O     1 
HETATM 261 O  O     . HOH E 5 .  ? 10.500  -4.283 2.308   1.00 45.41 ? 206 HOH A O     1 
HETATM 262 O  O     . HOH E 5 .  ? -1.679  -1.729 0.885   1.00 43.41 ? 207 HOH A O     1 
HETATM 263 O  O     . HOH E 5 .  ? -6.257  -2.617 2.162   1.00 50.02 ? 208 HOH A O     1 
HETATM 264 O  O     . HOH E 5 .  ? 16.871  -2.716 4.220   1.00 53.03 ? 209 HOH A O     1 
HETATM 265 O  O     . HOH E 5 .  ? -3.330  -0.565 2.541   1.00 59.27 ? 210 HOH A O     1 
HETATM 266 O  O     . HOH E 5 .  ? 8.251   -2.701 1.181   1.00 45.18 ? 211 HOH A O     1 
HETATM 267 O  O     . HOH E 5 .  ? 10.652  -1.979 12.168  1.00 49.29 ? 212 HOH A O     1 
HETATM 268 O  O     . HOH E 5 .  ? 2.240   7.168  -1.352  0.50 47.89 ? 213 HOH A O     1 
HETATM 269 O  O     . HOH E 5 .  ? -9.558  0.040  -5.881  1.00 51.48 ? 214 HOH A O     1 
HETATM 270 O  O     . HOH E 5 .  ? 5.737   -2.737 1.017   1.00 47.42 ? 215 HOH A O     1 
HETATM 271 O  O     . HOH E 5 .  ? 15.765  -6.333 14.313  1.00 40.12 ? 216 HOH A O     1 
HETATM 272 O  O     . HOH E 5 .  ? -15.110 5.621  4.134   1.00 49.19 ? 217 HOH A O     1 
HETATM 273 O  O     . HOH E 5 .  ? 2.059   -3.700 1.346   1.00 50.46 ? 218 HOH A O     1 
HETATM 274 O  O     . HOH E 5 .  ? -6.077  -0.110 4.821   1.00 53.70 ? 219 HOH A O     1 
HETATM 275 O  O     . HOH E 5 .  ? -1.615  -4.400 0.992   1.00 53.70 ? 220 HOH A O     1 
# 
